data_3DOL
#
_entry.id   3DOL
#
_cell.length_a   139.010
_cell.length_b   111.530
_cell.length_c   73.030
_cell.angle_alpha   90.00
_cell.angle_beta   90.00
_cell.angle_gamma   90.00
#
_symmetry.space_group_name_H-M   'P 21 21 21'
#
loop_
_entity.id
_entity.type
_entity.pdbx_description
1 polymer 'Reverse transcriptase/ribonuclease H'
2 polymer 'p66 RT'
3 non-polymer 'PHOSPHATE ION'
4 non-polymer N-({4-[({4-chloro-2-[(3-chloro-5-cyanophenyl)carbonyl]phenoxy}acetyl)amino]-3-methylphenyl}sulfonyl)propanamide
5 water water
#
loop_
_entity_poly.entity_id
_entity_poly.type
_entity_poly.pdbx_seq_one_letter_code
_entity_poly.pdbx_strand_id
1 'polypeptide(L)'
;PISPIETVPVKLKPGMDGPKVKQWPLTEEKIKALVEICTEMEKEGKISKIGPENPYNTPVFAIKKKDSTKWRKLVDFREL
NKRTQDFWEVQLGIPHPAGIKKKKSVTVLDVGDAYFSVPLDEDFRKYTAFTIPSINNETPGIRYQYNVLPQGWKGSPAIF
QSSMTKILEPFRKQNPDIVIYQYMDDLYVGSDLEIGQHRTKIEELRQHLLRWGLTTPDKKHQKEPPFLWMGYELHPDKWT
VQPIVLPEKDSWTVNDIQKLVGKLNWASQIYPGIKVRQL(CSD)KLLRGTKALTEVIPLTEEAELELAENREILKEPVHG
VYYDPSKDLIAEIQKQGQGQWTYQIYQEPFKNLKTGKYARMRGAHTNDVKQLTEAVQKITTESIVIWGKTPKFKLPIQKE
TWETWWTEYWQATWIPEWEFVNTPPLVKLWYQLEKEPIVGAETFYVDGAANRETKLGKAGYVTNRGRQKVVTLTDTTNQK
TELQAIYLALQDSGLEVNIVTDSQYALGIIQAQPDQSESELVNQIIEQLIKKEKVYLAWVPAHKGIGGNEQVDKLVSAGI
RKVL
;
A
2 'polypeptide(L)'
;PISPIETVPVKLKPGMDGPKVKQWPLTEEKIKALVEICTEMEKEGKISKIGPENPYNTPVFAIKKKDSTKWRKLVDFREL
NKRTQDFWEVQLGIPHPAGLKKKKSVTVLDVGDAYFSVPLDEDFRKYTAFTIPSINNETPGIRYQYNVLPQGWKGSPAIF
QSSMTKILEPFRKQNPDIVIYQYMDDLYVGSDLEIGQHRTKIEELRQHLLRWGLTTPDKKHQKEPPFLWMGYELHPDKWT
VQPIVLPEKDSWTVNDIQKLVGKLNWASQIYPGIKVRQLCKLLRGTKALTEVIPLTEEAELELAENREILKEPVHGVYYD
PSKDLIAEIQKQGQGQWTYQIYQEPFKNLKTGKYARMRGAHTNDVKQLTEAVQKITTESIVIWGKTPKFKLPIQKETWET
WWTEYWQATWIPEWEFVNTPPLVKLWYQLEKEPIVGAETF
;
B
#
loop_
_chem_comp.id
_chem_comp.type
_chem_comp.name
_chem_comp.formula
GWI non-polymer N-({4-[({4-chloro-2-[(3-chloro-5-cyanophenyl)carbonyl]phenoxy}acetyl)amino]-3-methylphenyl}sulfonyl)propanamide 'C26 H21 Cl2 N3 O6 S'
PO4 non-polymer 'PHOSPHATE ION' 'O4 P -3'
#
# COMPACT_ATOMS: atom_id res chain seq x y z
N PRO A 1 -14.96 -13.41 -41.69
CA PRO A 1 -13.85 -13.62 -40.74
C PRO A 1 -13.55 -12.38 -39.91
N ILE A 2 -13.81 -11.21 -40.48
CA ILE A 2 -13.62 -9.94 -39.76
C ILE A 2 -14.81 -9.84 -38.82
N SER A 3 -14.81 -8.90 -37.88
CA SER A 3 -15.92 -8.80 -36.94
C SER A 3 -16.83 -7.58 -37.03
N PRO A 4 -18.12 -7.77 -36.68
CA PRO A 4 -19.16 -6.73 -36.68
C PRO A 4 -18.97 -5.85 -35.45
N ILE A 5 -17.92 -6.14 -34.69
CA ILE A 5 -17.59 -5.42 -33.47
C ILE A 5 -17.34 -3.93 -33.72
N GLU A 6 -17.86 -3.11 -32.80
CA GLU A 6 -17.71 -1.66 -32.86
C GLU A 6 -16.22 -1.39 -32.68
N THR A 7 -15.72 -0.30 -33.24
CA THR A 7 -14.30 0.00 -33.09
C THR A 7 -14.07 0.92 -31.89
N VAL A 8 -12.87 0.86 -31.35
CA VAL A 8 -12.49 1.69 -30.21
C VAL A 8 -11.82 2.95 -30.74
N PRO A 9 -12.32 4.12 -30.35
CA PRO A 9 -11.73 5.38 -30.83
C PRO A 9 -10.31 5.57 -30.27
N VAL A 10 -9.33 5.59 -31.17
CA VAL A 10 -7.94 5.75 -30.80
C VAL A 10 -7.41 7.09 -31.31
N LYS A 11 -6.45 7.66 -30.57
CA LYS A 11 -5.84 8.97 -30.87
C LYS A 11 -4.33 8.95 -30.71
N LEU A 12 -3.65 9.89 -31.37
CA LEU A 12 -2.20 10.03 -31.25
C LEU A 12 -1.95 10.92 -30.04
N LYS A 13 -0.76 10.81 -29.44
CA LYS A 13 -0.48 11.64 -28.27
C LYS A 13 -0.68 13.11 -28.62
N PRO A 14 -0.97 13.94 -27.62
CA PRO A 14 -1.19 15.38 -27.78
C PRO A 14 -0.10 16.11 -28.54
N GLY A 15 -0.41 16.57 -29.75
CA GLY A 15 0.55 17.33 -30.53
C GLY A 15 1.27 16.68 -31.70
N MET A 16 1.98 15.58 -31.45
CA MET A 16 2.72 14.90 -32.51
C MET A 16 1.87 14.32 -33.64
N ASP A 17 2.54 14.02 -34.75
CA ASP A 17 1.88 13.50 -35.94
C ASP A 17 2.32 12.06 -36.28
N GLY A 18 1.63 11.46 -37.27
CA GLY A 18 1.94 10.10 -37.68
C GLY A 18 3.41 9.91 -38.04
N PRO A 19 3.89 8.65 -38.04
CA PRO A 19 5.28 8.35 -38.37
C PRO A 19 5.63 8.47 -39.86
N LYS A 20 6.90 8.78 -40.13
CA LYS A 20 7.40 8.95 -41.49
C LYS A 20 8.83 8.44 -41.64
N VAL A 21 9.05 7.15 -41.35
CA VAL A 21 10.37 6.54 -41.48
C VAL A 21 10.48 5.87 -42.85
N LYS A 22 11.69 5.86 -43.43
CA LYS A 22 11.90 5.29 -44.74
C LYS A 22 12.06 3.76 -44.77
N GLN A 23 11.63 3.17 -45.89
CA GLN A 23 11.67 1.73 -46.10
C GLN A 23 13.04 1.15 -46.41
N TRP A 24 13.51 0.32 -45.50
CA TRP A 24 14.79 -0.38 -45.55
C TRP A 24 14.83 -1.33 -46.77
N PRO A 25 15.51 -0.93 -47.87
CA PRO A 25 15.60 -1.77 -49.08
C PRO A 25 15.95 -3.24 -48.85
N LEU A 26 15.33 -4.11 -49.65
CA LEU A 26 15.51 -5.55 -49.55
C LEU A 26 15.76 -6.24 -50.89
N THR A 27 16.33 -7.44 -50.85
CA THR A 27 16.63 -8.23 -52.04
C THR A 27 15.36 -8.56 -52.81
N GLU A 28 15.50 -9.09 -54.02
CA GLU A 28 14.35 -9.44 -54.85
C GLU A 28 13.55 -10.63 -54.34
N GLU A 29 14.22 -11.47 -53.56
CA GLU A 29 13.60 -12.66 -52.98
C GLU A 29 12.63 -12.22 -51.89
N LYS A 30 13.16 -11.57 -50.86
CA LYS A 30 12.36 -11.09 -49.75
C LYS A 30 11.20 -10.20 -50.21
N ILE A 31 11.34 -9.56 -51.36
CA ILE A 31 10.29 -8.69 -51.88
C ILE A 31 9.15 -9.52 -52.42
N LYS A 32 9.48 -10.43 -53.32
CA LYS A 32 8.50 -11.31 -53.94
C LYS A 32 7.72 -12.11 -52.90
N ALA A 33 8.38 -12.46 -51.79
CA ALA A 33 7.75 -13.20 -50.72
C ALA A 33 6.76 -12.31 -49.96
N LEU A 34 7.08 -11.02 -49.84
CA LEU A 34 6.21 -10.07 -49.16
C LEU A 34 5.00 -9.79 -50.02
N VAL A 35 5.22 -9.68 -51.32
CA VAL A 35 4.12 -9.42 -52.24
C VAL A 35 3.11 -10.55 -52.12
N GLU A 36 3.62 -11.77 -52.00
CA GLU A 36 2.82 -12.97 -51.85
C GLU A 36 1.89 -12.77 -50.66
N ILE A 37 2.49 -12.63 -49.48
CA ILE A 37 1.78 -12.44 -48.25
C ILE A 37 0.79 -11.27 -48.29
N CYS A 38 1.28 -10.09 -48.58
CA CYS A 38 0.43 -8.91 -48.61
C CYS A 38 -0.71 -9.00 -49.61
N THR A 39 -0.61 -9.90 -50.58
CA THR A 39 -1.67 -10.07 -51.57
C THR A 39 -2.81 -10.89 -50.97
N GLU A 40 -2.44 -11.86 -50.14
CA GLU A 40 -3.40 -12.73 -49.45
C GLU A 40 -4.13 -11.95 -48.37
N MET A 41 -3.42 -11.06 -47.68
CA MET A 41 -4.02 -10.25 -46.63
C MET A 41 -5.04 -9.29 -47.23
N GLU A 42 -4.84 -8.93 -48.50
CA GLU A 42 -5.77 -8.04 -49.17
C GLU A 42 -7.05 -8.82 -49.45
N LYS A 43 -6.89 -10.11 -49.74
CA LYS A 43 -8.04 -10.99 -50.00
C LYS A 43 -8.89 -11.01 -48.75
N GLU A 44 -8.27 -11.36 -47.63
CA GLU A 44 -8.95 -11.46 -46.35
C GLU A 44 -9.53 -10.13 -45.83
N GLY A 45 -9.21 -9.02 -46.50
CA GLY A 45 -9.75 -7.73 -46.08
C GLY A 45 -9.06 -7.16 -44.86
N LYS A 46 -7.83 -7.60 -44.64
CA LYS A 46 -7.04 -7.16 -43.51
C LYS A 46 -6.28 -5.85 -43.76
N ILE A 47 -5.78 -5.67 -44.98
CA ILE A 47 -5.06 -4.45 -45.36
C ILE A 47 -5.69 -3.84 -46.61
N SER A 48 -5.42 -2.57 -46.85
CA SER A 48 -5.94 -1.87 -48.02
C SER A 48 -4.86 -1.13 -48.79
N LYS A 49 -4.77 -1.44 -50.08
CA LYS A 49 -3.80 -0.81 -50.96
C LYS A 49 -4.18 0.66 -51.05
N ILE A 50 -3.22 1.55 -50.80
CA ILE A 50 -3.50 2.97 -50.85
C ILE A 50 -2.61 3.71 -51.84
N GLY A 51 -2.85 5.00 -52.00
CA GLY A 51 -2.07 5.78 -52.94
C GLY A 51 -1.22 6.93 -52.44
N PRO A 52 -1.26 8.07 -53.16
CA PRO A 52 -0.55 9.33 -52.94
C PRO A 52 -0.75 9.99 -51.58
N GLU A 53 -1.99 10.34 -51.29
CA GLU A 53 -2.39 11.00 -50.06
C GLU A 53 -1.46 10.72 -48.86
N ASN A 54 -1.63 9.55 -48.25
CA ASN A 54 -0.86 9.16 -47.07
C ASN A 54 0.62 9.52 -47.04
N PRO A 55 0.99 10.46 -46.16
CA PRO A 55 2.36 10.95 -45.97
C PRO A 55 3.20 10.05 -45.05
N TYR A 56 2.51 9.22 -44.27
CA TYR A 56 3.16 8.36 -43.29
C TYR A 56 3.66 7.03 -43.80
N ASN A 57 4.53 6.40 -43.03
CA ASN A 57 5.09 5.11 -43.40
C ASN A 57 5.92 4.44 -42.32
N THR A 58 5.85 3.11 -42.27
CA THR A 58 6.58 2.32 -41.29
C THR A 58 7.35 1.23 -42.04
N PRO A 59 8.60 0.95 -41.64
CA PRO A 59 9.42 -0.07 -42.30
C PRO A 59 8.87 -1.49 -42.19
N VAL A 60 9.06 -2.28 -43.24
CA VAL A 60 8.61 -3.66 -43.25
C VAL A 60 9.79 -4.58 -43.54
N PHE A 61 9.93 -5.64 -42.74
CA PHE A 61 11.02 -6.59 -42.89
C PHE A 61 10.57 -7.99 -43.30
N ALA A 62 11.54 -8.82 -43.67
CA ALA A 62 11.27 -10.18 -44.09
C ALA A 62 12.18 -11.13 -43.29
N ILE A 63 11.57 -12.11 -42.64
CA ILE A 63 12.30 -13.08 -41.83
C ILE A 63 11.80 -14.49 -42.11
N LYS A 64 12.57 -15.49 -41.67
CA LYS A 64 12.21 -16.90 -41.88
C LYS A 64 12.20 -17.69 -40.59
N SER A 68 9.22 -23.55 -40.38
CA SER A 68 8.45 -23.29 -41.60
C SER A 68 9.34 -23.18 -42.84
N THR A 69 10.56 -22.69 -42.63
CA THR A 69 11.54 -22.55 -43.72
C THR A 69 11.10 -21.60 -44.83
N LYS A 70 10.06 -20.83 -44.59
CA LYS A 70 9.57 -19.88 -45.59
C LYS A 70 9.78 -18.47 -45.07
N TRP A 71 9.13 -17.49 -45.68
CA TRP A 71 9.23 -16.08 -45.28
C TRP A 71 8.00 -15.57 -44.52
N ARG A 72 8.23 -14.70 -43.54
CA ARG A 72 7.16 -14.13 -42.73
C ARG A 72 7.32 -12.60 -42.61
N LYS A 73 6.23 -11.87 -42.77
CA LYS A 73 6.21 -10.41 -42.67
C LYS A 73 6.44 -9.92 -41.25
N LEU A 74 7.14 -8.80 -41.11
CA LEU A 74 7.40 -8.20 -39.80
C LEU A 74 7.44 -6.68 -39.97
N VAL A 75 6.57 -5.99 -39.24
CA VAL A 75 6.50 -4.53 -39.32
C VAL A 75 6.96 -3.93 -37.99
N ASP A 76 7.95 -3.05 -38.06
CA ASP A 76 8.51 -2.40 -36.88
C ASP A 76 7.74 -1.14 -36.52
N PHE A 77 6.81 -1.26 -35.58
CA PHE A 77 6.00 -0.12 -35.17
C PHE A 77 6.57 0.70 -34.01
N ARG A 78 7.82 0.45 -33.64
CA ARG A 78 8.49 1.17 -32.56
C ARG A 78 8.17 2.66 -32.58
N GLU A 79 8.31 3.27 -33.75
CA GLU A 79 8.03 4.69 -33.87
C GLU A 79 6.56 5.05 -33.66
N LEU A 80 5.66 4.46 -34.44
CA LEU A 80 4.25 4.74 -34.32
C LEU A 80 3.84 4.65 -32.86
N ASN A 81 4.26 3.54 -32.24
CA ASN A 81 3.94 3.28 -30.86
C ASN A 81 4.22 4.46 -29.95
N LYS A 82 5.43 5.02 -30.02
CA LYS A 82 5.76 6.14 -29.16
C LYS A 82 4.94 7.41 -29.49
N ARG A 83 4.09 7.34 -30.51
CA ARG A 83 3.25 8.47 -30.87
C ARG A 83 1.78 8.18 -30.56
N THR A 84 1.51 6.94 -30.16
CA THR A 84 0.15 6.52 -29.83
C THR A 84 -0.21 6.80 -28.36
N GLN A 85 -1.48 7.11 -28.14
CA GLN A 85 -2.00 7.41 -26.81
C GLN A 85 -1.78 6.26 -25.84
N ASP A 86 -1.96 6.54 -24.55
CA ASP A 86 -1.83 5.49 -23.54
C ASP A 86 -3.17 4.77 -23.37
N PHE A 87 -3.11 3.46 -23.16
CA PHE A 87 -4.32 2.68 -22.97
C PHE A 87 -4.42 2.17 -21.57
N TRP A 88 -5.57 1.63 -21.20
CA TRP A 88 -5.71 1.09 -19.87
C TRP A 88 -4.76 -0.10 -19.76
N GLU A 89 -3.90 -0.06 -18.74
CA GLU A 89 -2.93 -1.12 -18.50
C GLU A 89 -3.51 -2.52 -18.62
N VAL A 90 -2.91 -3.36 -19.45
CA VAL A 90 -3.37 -4.74 -19.58
C VAL A 90 -2.89 -5.36 -18.27
N GLN A 91 -3.70 -6.17 -17.61
CA GLN A 91 -3.27 -6.76 -16.34
C GLN A 91 -2.00 -7.59 -16.40
N LEU A 92 -1.21 -7.50 -15.34
CA LEU A 92 0.05 -8.23 -15.26
C LEU A 92 0.03 -9.26 -14.12
N GLY A 93 -1.16 -9.54 -13.60
CA GLY A 93 -1.28 -10.52 -12.55
C GLY A 93 -1.64 -11.87 -13.14
N ILE A 94 -0.96 -12.92 -12.70
CA ILE A 94 -1.21 -14.25 -13.21
C ILE A 94 -1.92 -15.11 -12.16
N PRO A 95 -3.07 -15.68 -12.52
CA PRO A 95 -3.78 -16.50 -11.55
C PRO A 95 -2.84 -17.54 -10.95
N HIS A 96 -3.07 -17.93 -9.71
CA HIS A 96 -2.26 -18.94 -9.03
C HIS A 96 -3.14 -20.17 -8.78
N PRO A 97 -2.68 -21.36 -9.20
CA PRO A 97 -3.45 -22.59 -9.02
C PRO A 97 -3.96 -22.90 -7.61
N ALA A 98 -3.37 -22.29 -6.60
CA ALA A 98 -3.81 -22.55 -5.23
C ALA A 98 -5.19 -21.90 -4.97
N GLY A 99 -5.53 -20.93 -5.81
CA GLY A 99 -6.77 -20.20 -5.65
C GLY A 99 -7.85 -20.55 -6.67
N ILE A 100 -7.68 -21.66 -7.36
CA ILE A 100 -8.67 -22.06 -8.35
C ILE A 100 -9.57 -23.14 -7.76
N LYS A 101 -10.85 -23.07 -8.13
CA LYS A 101 -11.83 -24.03 -7.64
C LYS A 101 -11.87 -25.21 -8.60
N LYS A 102 -11.82 -26.42 -8.04
CA LYS A 102 -11.86 -27.65 -8.83
C LYS A 102 -13.17 -27.78 -9.63
N LYS A 103 -13.07 -28.17 -10.89
CA LYS A 103 -14.25 -28.35 -11.73
C LYS A 103 -14.28 -29.73 -12.39
N LYS A 104 -15.47 -30.26 -12.63
CA LYS A 104 -15.61 -31.57 -13.25
C LYS A 104 -14.97 -31.59 -14.64
N SER A 105 -15.24 -30.53 -15.40
CA SER A 105 -14.73 -30.40 -16.74
C SER A 105 -14.08 -29.04 -17.01
N VAL A 106 -13.02 -29.07 -17.80
CA VAL A 106 -12.31 -27.86 -18.19
C VAL A 106 -11.87 -27.96 -19.65
N THR A 107 -12.17 -26.91 -20.40
CA THR A 107 -11.82 -26.87 -21.80
C THR A 107 -11.04 -25.59 -22.01
N VAL A 108 -9.85 -25.70 -22.59
CA VAL A 108 -9.08 -24.48 -22.85
C VAL A 108 -9.21 -24.14 -24.33
N LEU A 109 -9.51 -22.87 -24.61
CA LEU A 109 -9.66 -22.39 -25.98
C LEU A 109 -8.77 -21.18 -26.25
N ASP A 110 -7.94 -21.26 -27.28
CA ASP A 110 -7.12 -20.11 -27.61
C ASP A 110 -7.68 -19.51 -28.90
N VAL A 111 -7.91 -18.20 -28.88
CA VAL A 111 -8.42 -17.50 -30.05
C VAL A 111 -7.24 -17.34 -31.00
N GLY A 112 -7.15 -18.24 -31.99
CA GLY A 112 -6.06 -18.21 -32.95
C GLY A 112 -5.49 -16.86 -33.37
N ASP A 113 -5.89 -16.40 -34.54
CA ASP A 113 -5.44 -15.12 -35.07
C ASP A 113 -6.22 -14.01 -34.36
N ALA A 114 -5.92 -13.86 -33.07
CA ALA A 114 -6.56 -12.87 -32.24
C ALA A 114 -6.63 -11.52 -32.94
N TYR A 115 -5.57 -10.73 -32.77
CA TYR A 115 -5.49 -9.39 -33.32
C TYR A 115 -6.11 -9.16 -34.69
N PHE A 116 -5.47 -9.68 -35.74
CA PHE A 116 -5.96 -9.49 -37.10
C PHE A 116 -7.47 -9.63 -37.29
N SER A 117 -8.12 -10.35 -36.37
CA SER A 117 -9.55 -10.58 -36.46
C SER A 117 -10.44 -9.46 -35.90
N VAL A 118 -9.85 -8.37 -35.41
CA VAL A 118 -10.61 -7.24 -34.85
C VAL A 118 -10.38 -5.94 -35.63
N PRO A 119 -11.46 -5.24 -35.99
CA PRO A 119 -11.32 -3.99 -36.75
C PRO A 119 -10.64 -2.83 -36.03
N LEU A 120 -9.90 -2.05 -36.81
CA LEU A 120 -9.17 -0.89 -36.31
C LEU A 120 -10.01 0.37 -36.50
N ASP A 121 -9.83 1.36 -35.62
CA ASP A 121 -10.57 2.62 -35.73
C ASP A 121 -10.27 3.20 -37.11
N GLU A 122 -11.31 3.31 -37.92
CA GLU A 122 -11.21 3.82 -39.27
C GLU A 122 -10.41 5.11 -39.38
N ASP A 123 -10.54 5.98 -38.39
CA ASP A 123 -9.81 7.25 -38.40
C ASP A 123 -8.33 7.13 -38.04
N PHE A 124 -7.88 5.92 -37.73
CA PHE A 124 -6.48 5.72 -37.34
C PHE A 124 -5.67 4.90 -38.36
N ARG A 125 -6.37 4.19 -39.24
CA ARG A 125 -5.72 3.35 -40.24
C ARG A 125 -4.59 3.98 -41.01
N LYS A 126 -4.76 5.24 -41.42
CA LYS A 126 -3.72 5.91 -42.21
C LYS A 126 -2.36 5.97 -41.54
N TYR A 127 -2.33 5.88 -40.22
CA TYR A 127 -1.06 5.95 -39.50
C TYR A 127 -0.24 4.66 -39.57
N THR A 128 -0.84 3.59 -40.07
CA THR A 128 -0.14 2.31 -40.15
C THR A 128 0.34 1.95 -41.55
N ALA A 129 0.34 2.94 -42.45
CA ALA A 129 0.79 2.73 -43.83
C ALA A 129 2.26 2.28 -43.87
N PHE A 130 2.53 1.27 -44.71
CA PHE A 130 3.88 0.73 -44.91
C PHE A 130 4.12 0.50 -46.42
N THR A 131 5.37 0.33 -46.84
CA THR A 131 5.64 0.16 -48.27
C THR A 131 6.52 -1.03 -48.70
N ILE A 132 6.02 -1.82 -49.65
CA ILE A 132 6.82 -2.94 -50.13
C ILE A 132 7.71 -2.40 -51.26
N PRO A 133 9.03 -2.34 -51.01
CA PRO A 133 10.02 -1.85 -51.97
C PRO A 133 9.89 -2.48 -53.35
N SER A 134 10.95 -2.34 -54.13
CA SER A 134 11.00 -2.90 -55.48
C SER A 134 12.44 -3.23 -55.80
N ILE A 135 12.63 -4.21 -56.68
CA ILE A 135 13.97 -4.62 -57.08
C ILE A 135 14.64 -3.35 -57.59
N ASN A 136 14.05 -2.78 -58.63
CA ASN A 136 14.55 -1.55 -59.23
C ASN A 136 14.07 -0.44 -58.30
N ASN A 137 14.96 0.47 -57.92
CA ASN A 137 14.55 1.57 -57.05
C ASN A 137 13.76 2.54 -57.91
N GLU A 138 13.57 3.76 -57.43
CA GLU A 138 12.84 4.79 -58.17
C GLU A 138 11.42 4.43 -58.57
N THR A 139 11.01 3.18 -58.40
CA THR A 139 9.65 2.79 -58.73
C THR A 139 8.84 2.77 -57.44
N PRO A 140 7.83 3.66 -57.36
CA PRO A 140 6.93 3.83 -56.22
C PRO A 140 6.91 2.73 -55.16
N GLY A 141 6.46 1.54 -55.54
CA GLY A 141 6.39 0.45 -54.59
C GLY A 141 4.97 0.31 -54.09
N ILE A 142 4.63 -0.86 -53.57
CA ILE A 142 3.28 -1.12 -53.07
C ILE A 142 2.98 -0.45 -51.74
N ARG A 143 1.88 0.30 -51.69
CA ARG A 143 1.45 1.03 -50.49
C ARG A 143 0.23 0.36 -49.84
N TYR A 144 0.29 0.10 -48.54
CA TYR A 144 -0.82 -0.51 -47.81
C TYR A 144 -1.04 0.13 -46.45
N GLN A 145 -2.23 -0.08 -45.88
CA GLN A 145 -2.58 0.40 -44.55
C GLN A 145 -3.46 -0.67 -43.88
N TYR A 146 -3.46 -0.70 -42.55
CA TYR A 146 -4.22 -1.71 -41.79
C TYR A 146 -5.69 -1.42 -41.52
N ASN A 147 -6.53 -2.43 -41.73
CA ASN A 147 -7.96 -2.33 -41.48
C ASN A 147 -8.25 -3.02 -40.14
N VAL A 148 -7.22 -3.68 -39.59
CA VAL A 148 -7.35 -4.41 -38.35
C VAL A 148 -6.21 -4.21 -37.35
N LEU A 149 -6.45 -4.62 -36.11
CA LEU A 149 -5.44 -4.52 -35.06
C LEU A 149 -4.11 -5.11 -35.55
N PRO A 150 -3.07 -4.27 -35.68
CA PRO A 150 -1.75 -4.75 -36.15
C PRO A 150 -0.98 -5.53 -35.09
N GLN A 151 -0.31 -6.61 -35.48
CA GLN A 151 0.48 -7.37 -34.52
C GLN A 151 1.74 -6.60 -34.16
N GLY A 152 1.90 -6.27 -32.89
CA GLY A 152 3.07 -5.52 -32.47
C GLY A 152 2.77 -4.05 -32.21
N TRP A 153 1.53 -3.64 -32.42
CA TRP A 153 1.17 -2.24 -32.16
C TRP A 153 0.74 -2.07 -30.70
N LYS A 154 1.15 -0.96 -30.11
CA LYS A 154 0.85 -0.65 -28.72
C LYS A 154 -0.57 -0.92 -28.25
N GLY A 155 -1.56 -0.54 -29.06
CA GLY A 155 -2.95 -0.72 -28.67
C GLY A 155 -3.64 -2.07 -28.80
N SER A 156 -3.11 -2.93 -29.65
CA SER A 156 -3.71 -4.23 -29.92
C SER A 156 -4.10 -5.12 -28.74
N PRO A 157 -3.16 -5.42 -27.84
CA PRO A 157 -3.53 -6.27 -26.70
C PRO A 157 -4.76 -5.77 -25.94
N ALA A 158 -4.76 -4.48 -25.62
CA ALA A 158 -5.86 -3.89 -24.88
C ALA A 158 -7.15 -3.88 -25.63
N ILE A 159 -7.11 -3.51 -26.91
CA ILE A 159 -8.33 -3.47 -27.69
C ILE A 159 -8.91 -4.86 -27.92
N PHE A 160 -8.06 -5.85 -28.09
CA PHE A 160 -8.53 -7.21 -28.28
C PHE A 160 -9.20 -7.70 -26.99
N GLN A 161 -8.51 -7.55 -25.86
CA GLN A 161 -9.05 -8.00 -24.58
C GLN A 161 -10.42 -7.38 -24.31
N SER A 162 -10.52 -6.08 -24.52
CA SER A 162 -11.78 -5.36 -24.32
C SER A 162 -12.89 -5.96 -25.16
N SER A 163 -12.62 -6.16 -26.45
CA SER A 163 -13.56 -6.75 -27.37
C SER A 163 -14.02 -8.11 -26.84
N MET A 164 -13.06 -8.96 -26.56
CA MET A 164 -13.36 -10.27 -26.02
C MET A 164 -14.33 -10.14 -24.84
N THR A 165 -14.05 -9.24 -23.90
CA THR A 165 -14.91 -9.07 -22.75
C THR A 165 -16.34 -8.72 -23.14
N LYS A 166 -16.52 -7.76 -24.05
CA LYS A 166 -17.85 -7.35 -24.48
C LYS A 166 -18.65 -8.50 -25.09
N ILE A 167 -17.99 -9.32 -25.87
CA ILE A 167 -18.64 -10.45 -26.52
C ILE A 167 -19.07 -11.56 -25.51
N LEU A 168 -18.36 -11.71 -24.41
CA LEU A 168 -18.71 -12.74 -23.44
C LEU A 168 -19.79 -12.33 -22.42
N GLU A 169 -19.93 -11.04 -22.14
CA GLU A 169 -20.91 -10.58 -21.15
C GLU A 169 -22.30 -11.24 -21.20
N PRO A 170 -22.88 -11.40 -22.41
CA PRO A 170 -24.18 -12.03 -22.56
C PRO A 170 -24.18 -13.51 -22.13
N PHE A 171 -23.21 -14.27 -22.67
CA PHE A 171 -23.08 -15.69 -22.37
C PHE A 171 -22.93 -15.91 -20.87
N ARG A 172 -22.13 -15.08 -20.21
CA ARG A 172 -21.91 -15.19 -18.78
C ARG A 172 -23.21 -14.98 -18.01
N LYS A 173 -23.99 -13.98 -18.43
CA LYS A 173 -25.25 -13.64 -17.79
C LYS A 173 -26.27 -14.79 -17.94
N GLN A 174 -26.14 -15.57 -19.00
CA GLN A 174 -27.04 -16.70 -19.24
C GLN A 174 -26.57 -17.99 -18.58
N ASN A 175 -25.28 -18.06 -18.23
CA ASN A 175 -24.73 -19.25 -17.60
C ASN A 175 -23.94 -18.83 -16.36
N PRO A 176 -24.64 -18.43 -15.28
CA PRO A 176 -24.04 -17.99 -14.01
C PRO A 176 -23.13 -19.00 -13.31
N ASP A 177 -23.43 -20.28 -13.47
CA ASP A 177 -22.65 -21.34 -12.84
C ASP A 177 -21.34 -21.67 -13.57
N ILE A 178 -21.23 -21.25 -14.83
CA ILE A 178 -20.03 -21.51 -15.63
C ILE A 178 -18.97 -20.46 -15.35
N VAL A 179 -17.72 -20.91 -15.21
CA VAL A 179 -16.59 -20.04 -14.94
C VAL A 179 -15.69 -19.92 -16.18
N ILE A 180 -15.36 -18.69 -16.57
CA ILE A 180 -14.50 -18.46 -17.72
C ILE A 180 -13.34 -17.51 -17.42
N TYR A 181 -12.13 -18.05 -17.48
CA TYR A 181 -10.92 -17.28 -17.23
C TYR A 181 -10.43 -16.62 -18.53
N GLN A 182 -10.02 -15.36 -18.42
CA GLN A 182 -9.48 -14.62 -19.55
C GLN A 182 -8.02 -14.36 -19.24
N TYR A 183 -7.13 -14.73 -20.17
CA TYR A 183 -5.70 -14.53 -19.98
C TYR A 183 -5.08 -14.38 -21.36
N MET A 184 -4.57 -13.18 -21.65
CA MET A 184 -4.00 -12.87 -22.96
C MET A 184 -5.10 -13.26 -23.94
N ASP A 185 -4.81 -14.00 -24.99
CA ASP A 185 -5.90 -14.39 -25.86
C ASP A 185 -6.24 -15.86 -25.68
N ASP A 186 -6.53 -16.21 -24.43
CA ASP A 186 -6.86 -17.58 -24.05
C ASP A 186 -8.04 -17.63 -23.09
N LEU A 187 -8.95 -18.54 -23.34
CA LEU A 187 -10.10 -18.72 -22.48
C LEU A 187 -9.99 -20.11 -21.86
N TYR A 188 -10.15 -20.18 -20.54
CA TYR A 188 -10.13 -21.45 -19.80
C TYR A 188 -11.55 -21.53 -19.25
N VAL A 189 -12.34 -22.46 -19.78
CA VAL A 189 -13.76 -22.62 -19.41
C VAL A 189 -14.05 -23.86 -18.55
N GLY A 190 -14.72 -23.67 -17.41
CA GLY A 190 -15.00 -24.80 -16.53
C GLY A 190 -16.38 -24.88 -15.89
N SER A 191 -16.89 -26.10 -15.76
CA SER A 191 -18.21 -26.31 -15.17
C SER A 191 -18.30 -27.59 -14.35
N ASP A 192 -19.43 -27.77 -13.68
CA ASP A 192 -19.68 -28.96 -12.89
C ASP A 192 -20.80 -29.75 -13.54
N LEU A 193 -21.06 -29.46 -14.82
CA LEU A 193 -22.08 -30.14 -15.59
C LEU A 193 -21.54 -31.53 -15.95
N GLU A 194 -22.42 -32.42 -16.40
CA GLU A 194 -21.96 -33.75 -16.79
C GLU A 194 -21.26 -33.62 -18.15
N ILE A 195 -20.11 -34.28 -18.27
CA ILE A 195 -19.28 -34.20 -19.47
C ILE A 195 -19.96 -33.99 -20.82
N GLY A 196 -21.06 -34.69 -21.09
CA GLY A 196 -21.76 -34.49 -22.36
C GLY A 196 -22.44 -33.13 -22.44
N GLN A 197 -23.04 -32.68 -21.32
CA GLN A 197 -23.70 -31.38 -21.26
C GLN A 197 -22.63 -30.31 -21.48
N HIS A 198 -21.56 -30.39 -20.68
CA HIS A 198 -20.41 -29.47 -20.76
C HIS A 198 -19.95 -29.31 -22.21
N ARG A 199 -19.68 -30.43 -22.88
CA ARG A 199 -19.24 -30.41 -24.26
C ARG A 199 -20.25 -29.71 -25.14
N THR A 200 -21.52 -29.81 -24.77
CA THR A 200 -22.59 -29.18 -25.54
C THR A 200 -22.57 -27.66 -25.33
N LYS A 201 -22.39 -27.22 -24.08
CA LYS A 201 -22.31 -25.80 -23.76
C LYS A 201 -21.08 -25.18 -24.39
N ILE A 202 -19.98 -25.94 -24.44
CA ILE A 202 -18.75 -25.44 -25.02
C ILE A 202 -18.99 -25.12 -26.50
N GLU A 203 -19.57 -26.06 -27.23
CA GLU A 203 -19.87 -25.86 -28.64
C GLU A 203 -20.79 -24.66 -28.81
N GLU A 204 -21.64 -24.41 -27.83
CA GLU A 204 -22.52 -23.26 -27.90
C GLU A 204 -21.60 -22.05 -27.93
N LEU A 205 -20.76 -21.91 -26.90
CA LEU A 205 -19.82 -20.80 -26.77
C LEU A 205 -18.98 -20.64 -28.05
N ARG A 206 -18.41 -21.73 -28.53
CA ARG A 206 -17.60 -21.66 -29.74
C ARG A 206 -18.35 -21.04 -30.91
N GLN A 207 -19.62 -21.36 -31.06
CA GLN A 207 -20.41 -20.82 -32.16
C GLN A 207 -20.84 -19.37 -31.91
N HIS A 208 -20.91 -19.00 -30.63
CA HIS A 208 -21.26 -17.63 -30.29
C HIS A 208 -20.06 -16.74 -30.55
N LEU A 209 -18.86 -17.31 -30.45
CA LEU A 209 -17.65 -16.55 -30.70
C LEU A 209 -17.48 -16.44 -32.22
N LEU A 210 -17.61 -17.56 -32.91
CA LEU A 210 -17.49 -17.60 -34.36
C LEU A 210 -18.43 -16.55 -34.94
N ARG A 211 -19.57 -16.40 -34.29
CA ARG A 211 -20.57 -15.44 -34.72
C ARG A 211 -19.96 -14.06 -34.80
N TRP A 212 -19.16 -13.69 -33.81
CA TRP A 212 -18.54 -12.38 -33.80
C TRP A 212 -17.16 -12.30 -34.45
N GLY A 213 -16.84 -13.28 -35.28
CA GLY A 213 -15.56 -13.26 -35.97
C GLY A 213 -14.37 -13.97 -35.35
N LEU A 214 -14.44 -14.29 -34.07
CA LEU A 214 -13.33 -14.97 -33.43
C LEU A 214 -13.40 -16.48 -33.72
N THR A 215 -12.40 -16.99 -34.45
CA THR A 215 -12.37 -18.42 -34.79
C THR A 215 -11.73 -19.16 -33.64
N THR A 216 -11.67 -20.49 -33.70
CA THR A 216 -11.12 -21.22 -32.57
C THR A 216 -10.77 -22.70 -32.81
N PRO A 217 -10.10 -23.32 -31.83
CA PRO A 217 -9.69 -24.73 -31.89
C PRO A 217 -10.90 -25.61 -31.56
N ASP A 218 -11.16 -26.63 -32.38
CA ASP A 218 -12.30 -27.50 -32.08
C ASP A 218 -11.81 -28.62 -31.18
N LYS A 219 -12.37 -29.82 -31.29
CA LYS A 219 -11.96 -30.91 -30.40
C LYS A 219 -10.59 -31.56 -30.66
N LYS A 220 -10.25 -31.79 -31.92
CA LYS A 220 -8.97 -32.41 -32.26
C LYS A 220 -7.78 -31.48 -32.37
N HIS A 221 -7.89 -30.44 -33.19
CA HIS A 221 -6.74 -29.54 -33.28
C HIS A 221 -6.79 -28.64 -32.04
N GLN A 222 -6.38 -29.21 -30.91
CA GLN A 222 -6.42 -28.55 -29.59
C GLN A 222 -5.27 -28.77 -28.60
N LYS A 223 -5.67 -28.83 -27.33
CA LYS A 223 -4.81 -29.05 -26.15
C LYS A 223 -5.55 -29.97 -25.15
N GLU A 224 -4.81 -30.91 -24.56
CA GLU A 224 -5.39 -31.84 -23.58
C GLU A 224 -4.58 -31.88 -22.28
N PRO A 225 -5.22 -32.23 -21.15
CA PRO A 225 -4.57 -32.30 -19.83
C PRO A 225 -3.60 -33.47 -19.69
N PRO A 226 -2.62 -33.34 -18.77
CA PRO A 226 -2.43 -32.18 -17.90
C PRO A 226 -1.97 -30.98 -18.71
N PHE A 227 -2.44 -29.80 -18.36
CA PHE A 227 -2.07 -28.59 -19.09
C PHE A 227 -0.76 -27.99 -18.60
N LEU A 228 0.12 -27.67 -19.54
CA LEU A 228 1.42 -27.08 -19.22
C LEU A 228 1.30 -25.57 -19.29
N TRP A 229 0.92 -25.00 -18.16
CA TRP A 229 0.70 -23.57 -18.04
C TRP A 229 1.63 -22.93 -17.00
N MET A 230 2.25 -21.83 -17.41
CA MET A 230 3.15 -21.05 -16.56
C MET A 230 3.99 -21.84 -15.55
N GLY A 231 4.64 -22.91 -15.98
CA GLY A 231 5.47 -23.67 -15.05
C GLY A 231 4.82 -24.71 -14.17
N TYR A 232 3.51 -24.88 -14.28
CA TYR A 232 2.84 -25.89 -13.48
C TYR A 232 2.29 -26.95 -14.39
N GLU A 233 1.81 -28.02 -13.77
CA GLU A 233 1.19 -29.13 -14.47
C GLU A 233 -0.13 -29.28 -13.73
N LEU A 234 -1.23 -28.95 -14.41
CA LEU A 234 -2.55 -29.05 -13.79
C LEU A 234 -3.26 -30.33 -14.18
N HIS A 235 -3.59 -31.14 -13.18
CA HIS A 235 -4.31 -32.40 -13.36
C HIS A 235 -5.72 -32.14 -12.82
N PRO A 236 -6.66 -33.04 -13.07
CA PRO A 236 -8.00 -32.77 -12.54
C PRO A 236 -8.18 -32.87 -11.03
N ASP A 237 -7.30 -33.61 -10.36
CA ASP A 237 -7.42 -33.80 -8.91
C ASP A 237 -6.37 -33.06 -8.09
N LYS A 238 -5.45 -32.37 -8.78
CA LYS A 238 -4.40 -31.65 -8.09
C LYS A 238 -3.44 -31.02 -9.08
N TRP A 239 -2.43 -30.34 -8.55
CA TRP A 239 -1.45 -29.70 -9.41
C TRP A 239 -0.05 -29.96 -8.88
N THR A 240 0.93 -29.81 -9.77
CA THR A 240 2.32 -30.01 -9.40
C THR A 240 3.14 -29.00 -10.16
N VAL A 241 4.42 -28.94 -9.86
CA VAL A 241 5.29 -27.99 -10.57
C VAL A 241 6.16 -28.74 -11.54
N GLN A 242 6.41 -28.13 -12.70
CA GLN A 242 7.25 -28.75 -13.71
C GLN A 242 8.64 -28.92 -13.11
N PRO A 243 9.18 -30.14 -13.17
CA PRO A 243 10.51 -30.41 -12.63
C PRO A 243 11.56 -29.45 -13.16
N ILE A 244 12.40 -29.00 -12.24
CA ILE A 244 13.49 -28.06 -12.52
C ILE A 244 14.77 -28.87 -12.65
N VAL A 245 15.55 -28.57 -13.68
CA VAL A 245 16.78 -29.31 -13.88
C VAL A 245 18.05 -28.47 -13.73
N LEU A 246 18.94 -28.92 -12.86
CA LEU A 246 20.20 -28.24 -12.61
C LEU A 246 21.25 -28.88 -13.51
N PRO A 247 21.90 -28.09 -14.39
CA PRO A 247 22.93 -28.61 -15.30
C PRO A 247 23.95 -29.48 -14.61
N GLU A 248 24.85 -30.07 -15.41
CA GLU A 248 25.92 -30.90 -14.86
C GLU A 248 27.16 -30.74 -15.72
N LYS A 249 28.14 -29.99 -15.22
CA LYS A 249 29.37 -29.76 -15.97
C LYS A 249 30.60 -29.87 -15.08
N ASP A 250 31.76 -29.96 -15.71
CA ASP A 250 33.01 -30.06 -14.96
C ASP A 250 33.67 -28.70 -14.90
N SER A 251 33.14 -27.76 -15.67
CA SER A 251 33.67 -26.40 -15.74
C SER A 251 32.55 -25.35 -15.64
N TRP A 252 32.48 -24.64 -14.50
CA TRP A 252 31.45 -23.62 -14.28
C TRP A 252 31.98 -22.19 -14.34
N THR A 253 31.36 -21.35 -15.15
CA THR A 253 31.76 -19.95 -15.24
C THR A 253 30.97 -19.13 -14.22
N VAL A 254 31.33 -17.86 -14.06
CA VAL A 254 30.64 -16.97 -13.12
C VAL A 254 29.17 -16.85 -13.52
N ASN A 255 28.92 -16.78 -14.82
CA ASN A 255 27.56 -16.68 -15.30
C ASN A 255 26.78 -17.94 -14.94
N ASP A 256 27.38 -19.10 -15.18
CA ASP A 256 26.75 -20.39 -14.86
C ASP A 256 26.30 -20.41 -13.41
N ILE A 257 27.19 -19.95 -12.52
CA ILE A 257 26.95 -19.91 -11.09
C ILE A 257 25.82 -18.94 -10.74
N GLN A 258 25.74 -17.82 -11.44
CA GLN A 258 24.69 -16.87 -11.15
C GLN A 258 23.31 -17.33 -11.59
N LYS A 259 23.25 -18.09 -12.69
CA LYS A 259 21.97 -18.59 -13.17
C LYS A 259 21.54 -19.73 -12.25
N LEU A 260 22.50 -20.60 -11.91
CA LEU A 260 22.23 -21.71 -11.03
C LEU A 260 21.70 -21.19 -9.68
N VAL A 261 22.35 -20.15 -9.15
CA VAL A 261 21.96 -19.56 -7.87
C VAL A 261 20.55 -19.03 -7.96
N GLY A 262 20.22 -18.41 -9.09
CA GLY A 262 18.89 -17.89 -9.28
C GLY A 262 17.81 -18.96 -9.24
N LYS A 263 17.98 -20.01 -10.05
CA LYS A 263 17.00 -21.10 -10.10
C LYS A 263 16.83 -21.73 -8.73
N LEU A 264 17.94 -21.89 -8.03
CA LEU A 264 17.92 -22.47 -6.70
C LEU A 264 17.15 -21.55 -5.74
N ASN A 265 17.37 -20.25 -5.88
CA ASN A 265 16.71 -19.29 -5.00
C ASN A 265 15.21 -19.40 -5.18
N TRP A 266 14.77 -19.46 -6.43
CA TRP A 266 13.35 -19.59 -6.75
C TRP A 266 12.80 -20.89 -6.16
N ALA A 267 13.51 -21.99 -6.38
CA ALA A 267 13.08 -23.31 -5.89
C ALA A 267 12.89 -23.36 -4.37
N SER A 268 13.46 -22.38 -3.67
CA SER A 268 13.37 -22.28 -2.20
C SER A 268 11.96 -22.06 -1.70
N GLN A 269 11.10 -21.51 -2.55
CA GLN A 269 9.73 -21.25 -2.17
C GLN A 269 8.98 -22.56 -1.97
N ILE A 270 9.21 -23.48 -2.90
CA ILE A 270 8.57 -24.78 -2.94
C ILE A 270 9.27 -25.86 -2.11
N TYR A 271 10.57 -26.01 -2.29
CA TYR A 271 11.29 -27.02 -1.54
C TYR A 271 11.91 -26.46 -0.25
N PRO A 272 11.97 -27.29 0.80
CA PRO A 272 12.49 -26.97 2.13
C PRO A 272 13.98 -26.58 2.26
N GLY A 273 14.83 -27.59 2.33
CA GLY A 273 16.25 -27.40 2.53
C GLY A 273 17.16 -26.94 1.42
N ILE A 274 16.64 -26.17 0.47
CA ILE A 274 17.49 -25.67 -0.59
C ILE A 274 18.44 -24.61 0.01
N LYS A 275 19.73 -24.78 -0.21
CA LYS A 275 20.73 -23.84 0.32
C LYS A 275 21.68 -23.35 -0.78
N VAL A 276 22.11 -22.09 -0.70
CA VAL A 276 23.00 -21.53 -1.71
C VAL A 276 24.24 -20.82 -1.14
N ARG A 277 24.42 -20.91 0.18
CA ARG A 277 25.55 -20.27 0.85
C ARG A 277 26.91 -20.52 0.19
N GLN A 278 27.35 -21.78 0.16
CA GLN A 278 28.65 -22.15 -0.40
C GLN A 278 28.78 -21.89 -1.89
N LEU A 279 27.67 -21.93 -2.62
CA LEU A 279 27.71 -21.67 -4.05
C LEU A 279 27.86 -20.17 -4.26
N CSD A 280 27.21 -19.37 -3.41
CA CSD A 280 27.28 -17.92 -3.52
CB CSD A 280 26.25 -17.25 -2.58
SG CSD A 280 25.22 -15.74 -2.93
C CSD A 280 28.72 -17.50 -3.16
O CSD A 280 29.25 -16.53 -3.72
OD1 CSD A 280 24.37 -15.19 -1.81
OD2 CSD A 280 24.48 -16.03 -4.15
N LYS A 281 29.36 -18.23 -2.25
CA LYS A 281 30.73 -17.90 -1.84
C LYS A 281 31.68 -17.88 -3.05
N LEU A 282 31.27 -18.56 -4.11
CA LEU A 282 32.03 -18.64 -5.35
C LEU A 282 32.19 -17.32 -6.12
N LEU A 283 31.28 -16.38 -5.93
CA LEU A 283 31.34 -15.11 -6.66
C LEU A 283 32.32 -14.10 -6.11
N ARG A 284 32.88 -14.35 -4.94
CA ARG A 284 33.84 -13.42 -4.32
C ARG A 284 34.98 -12.98 -5.24
N GLY A 285 35.14 -11.66 -5.37
CA GLY A 285 36.19 -11.09 -6.20
C GLY A 285 36.25 -11.45 -7.68
N THR A 286 35.17 -11.96 -8.24
CA THR A 286 35.12 -12.35 -9.66
C THR A 286 35.46 -11.21 -10.61
N LYS A 287 36.26 -11.50 -11.62
CA LYS A 287 36.69 -10.48 -12.58
C LYS A 287 35.98 -10.45 -13.92
N ALA A 288 35.16 -11.46 -14.22
CA ALA A 288 34.43 -11.49 -15.49
C ALA A 288 33.33 -12.54 -15.55
N LEU A 289 32.27 -12.25 -16.29
CA LEU A 289 31.18 -13.19 -16.42
C LEU A 289 31.69 -14.58 -16.86
N THR A 290 32.47 -14.59 -17.92
CA THR A 290 33.02 -15.83 -18.48
C THR A 290 34.12 -16.50 -17.64
N GLU A 291 34.53 -15.84 -16.56
CA GLU A 291 35.58 -16.38 -15.69
C GLU A 291 35.16 -17.76 -15.18
N VAL A 292 36.14 -18.64 -15.00
CA VAL A 292 35.89 -20.00 -14.52
C VAL A 292 36.30 -20.19 -13.07
N ILE A 293 35.35 -20.57 -12.23
CA ILE A 293 35.64 -20.76 -10.82
C ILE A 293 35.51 -22.20 -10.37
N PRO A 294 36.62 -22.83 -9.96
CA PRO A 294 36.53 -24.21 -9.52
C PRO A 294 35.64 -24.30 -8.29
N LEU A 295 34.88 -25.37 -8.18
CA LEU A 295 33.98 -25.57 -7.06
C LEU A 295 34.69 -26.20 -5.88
N THR A 296 34.40 -25.69 -4.69
CA THR A 296 34.99 -26.24 -3.48
C THR A 296 34.28 -27.52 -3.14
N GLU A 297 34.72 -28.15 -2.06
CA GLU A 297 34.12 -29.40 -1.61
C GLU A 297 32.72 -29.05 -1.15
N GLU A 298 32.64 -28.07 -0.25
CA GLU A 298 31.36 -27.63 0.29
C GLU A 298 30.37 -27.40 -0.84
N ALA A 299 30.71 -26.46 -1.72
CA ALA A 299 29.84 -26.13 -2.85
C ALA A 299 29.39 -27.36 -3.61
N GLU A 300 30.26 -28.36 -3.70
CA GLU A 300 29.96 -29.59 -4.41
C GLU A 300 28.91 -30.39 -3.62
N LEU A 301 29.11 -30.48 -2.31
CA LEU A 301 28.21 -31.21 -1.45
C LEU A 301 26.85 -30.51 -1.46
N GLU A 302 26.88 -29.19 -1.31
CA GLU A 302 25.65 -28.40 -1.31
C GLU A 302 24.85 -28.71 -2.57
N LEU A 303 25.48 -28.52 -3.72
CA LEU A 303 24.87 -28.78 -5.02
C LEU A 303 24.36 -30.21 -5.14
N ALA A 304 25.18 -31.18 -4.72
CA ALA A 304 24.79 -32.58 -4.78
C ALA A 304 23.55 -32.82 -3.93
N GLU A 305 23.49 -32.17 -2.77
CA GLU A 305 22.35 -32.33 -1.87
C GLU A 305 21.08 -31.70 -2.44
N ASN A 306 21.22 -30.58 -3.14
CA ASN A 306 20.05 -29.91 -3.71
C ASN A 306 19.43 -30.74 -4.86
N ARG A 307 20.27 -31.41 -5.65
CA ARG A 307 19.78 -32.24 -6.77
C ARG A 307 18.82 -33.31 -6.29
N GLU A 308 19.10 -33.86 -5.11
CA GLU A 308 18.25 -34.91 -4.53
C GLU A 308 16.92 -34.32 -4.09
N ILE A 309 16.96 -33.15 -3.44
CA ILE A 309 15.74 -32.49 -2.98
C ILE A 309 14.79 -32.14 -4.12
N LEU A 310 15.35 -31.65 -5.22
CA LEU A 310 14.54 -31.28 -6.36
C LEU A 310 13.83 -32.44 -7.05
N LYS A 311 14.22 -33.67 -6.72
CA LYS A 311 13.59 -34.84 -7.30
C LYS A 311 12.45 -35.31 -6.40
N GLU A 312 12.01 -34.41 -5.51
CA GLU A 312 10.92 -34.70 -4.60
C GLU A 312 9.60 -34.27 -5.22
N PRO A 313 8.57 -35.13 -5.09
CA PRO A 313 7.22 -34.89 -5.63
C PRO A 313 6.37 -33.89 -4.86
N VAL A 314 6.60 -32.60 -5.06
CA VAL A 314 5.80 -31.62 -4.35
C VAL A 314 4.56 -31.33 -5.20
N HIS A 315 3.39 -31.51 -4.59
CA HIS A 315 2.17 -31.26 -5.31
C HIS A 315 1.25 -30.34 -4.53
N GLY A 316 0.33 -29.70 -5.24
CA GLY A 316 -0.62 -28.81 -4.61
C GLY A 316 -2.03 -29.33 -4.83
N VAL A 317 -2.99 -28.70 -4.14
CA VAL A 317 -4.41 -29.04 -4.22
C VAL A 317 -5.18 -27.76 -4.55
N TYR A 318 -6.36 -27.90 -5.16
CA TYR A 318 -7.18 -26.73 -5.52
C TYR A 318 -8.06 -26.24 -4.35
N TYR A 319 -8.67 -25.06 -4.54
CA TYR A 319 -9.50 -24.40 -3.53
C TYR A 319 -10.96 -24.78 -3.38
N ASP A 320 -11.37 -25.13 -2.16
CA ASP A 320 -12.76 -25.47 -1.83
C ASP A 320 -13.29 -24.30 -0.98
N PRO A 321 -14.23 -23.51 -1.52
CA PRO A 321 -14.76 -22.38 -0.74
C PRO A 321 -15.64 -22.77 0.46
N SER A 322 -15.75 -24.06 0.72
CA SER A 322 -16.56 -24.56 1.84
C SER A 322 -15.74 -24.90 3.09
N LYS A 323 -14.42 -24.98 2.95
CA LYS A 323 -13.57 -25.31 4.08
C LYS A 323 -12.78 -24.09 4.53
N ASP A 324 -12.18 -24.18 5.72
CA ASP A 324 -11.39 -23.09 6.29
C ASP A 324 -10.11 -22.82 5.52
N LEU A 325 -9.62 -21.58 5.61
CA LEU A 325 -8.36 -21.15 5.01
C LEU A 325 -7.42 -20.93 6.19
N ILE A 326 -6.34 -21.70 6.25
CA ILE A 326 -5.38 -21.61 7.37
C ILE A 326 -3.91 -21.44 6.96
N ALA A 327 -3.20 -20.56 7.67
CA ALA A 327 -1.79 -20.34 7.38
C ALA A 327 -0.95 -20.54 8.63
N GLU A 328 0.14 -21.27 8.50
CA GLU A 328 1.01 -21.54 9.63
C GLU A 328 2.39 -20.99 9.30
N ILE A 329 3.06 -20.43 10.30
CA ILE A 329 4.37 -19.83 10.12
C ILE A 329 5.47 -20.44 10.98
N GLN A 330 6.69 -20.45 10.44
CA GLN A 330 7.86 -20.94 11.17
C GLN A 330 9.02 -20.00 11.00
N LYS A 331 9.81 -19.86 12.05
CA LYS A 331 11.00 -19.04 12.01
C LYS A 331 12.09 -20.04 11.76
N GLN A 332 12.63 -20.04 10.54
CA GLN A 332 13.69 -20.95 10.15
C GLN A 332 15.05 -20.46 10.63
N GLY A 333 15.17 -19.15 10.81
CA GLY A 333 16.42 -18.55 11.26
C GLY A 333 16.15 -17.07 11.53
N GLN A 334 17.14 -16.34 12.04
CA GLN A 334 16.93 -14.91 12.31
C GLN A 334 16.50 -14.20 11.02
N GLY A 335 15.31 -13.59 11.03
CA GLY A 335 14.82 -12.89 9.86
C GLY A 335 14.36 -13.73 8.67
N GLN A 336 14.34 -15.05 8.79
CA GLN A 336 13.89 -15.91 7.69
C GLN A 336 12.69 -16.74 8.13
N TRP A 337 11.61 -16.66 7.37
CA TRP A 337 10.39 -17.37 7.69
C TRP A 337 9.88 -18.26 6.55
N THR A 338 9.19 -19.33 6.92
CA THR A 338 8.58 -20.26 5.97
C THR A 338 7.10 -20.32 6.33
N TYR A 339 6.24 -20.62 5.35
CA TYR A 339 4.82 -20.69 5.62
C TYR A 339 4.11 -21.62 4.67
N GLN A 340 3.01 -22.19 5.15
CA GLN A 340 2.20 -23.03 4.31
C GLN A 340 0.76 -22.64 4.56
N ILE A 341 0.00 -22.50 3.48
CA ILE A 341 -1.40 -22.14 3.58
C ILE A 341 -2.20 -23.35 3.12
N TYR A 342 -3.08 -23.85 3.99
CA TYR A 342 -3.90 -25.03 3.68
C TYR A 342 -5.33 -24.99 4.22
N GLN A 343 -6.14 -25.94 3.77
CA GLN A 343 -7.52 -26.06 4.20
C GLN A 343 -7.66 -27.25 5.16
N GLU A 344 -6.90 -28.31 4.92
CA GLU A 344 -6.94 -29.46 5.80
C GLU A 344 -5.54 -30.03 5.96
N PRO A 345 -5.22 -30.50 7.16
CA PRO A 345 -3.92 -31.10 7.52
C PRO A 345 -3.16 -31.85 6.44
N PHE A 346 -2.04 -31.27 6.02
CA PHE A 346 -1.14 -31.85 5.03
C PHE A 346 -1.47 -31.70 3.55
N LYS A 347 -2.58 -31.02 3.23
CA LYS A 347 -2.95 -30.78 1.84
C LYS A 347 -2.73 -29.28 1.61
N ASN A 348 -1.53 -28.93 1.16
CA ASN A 348 -1.19 -27.51 0.96
C ASN A 348 -1.76 -26.87 -0.27
N LEU A 349 -2.26 -25.66 -0.10
CA LEU A 349 -2.77 -24.90 -1.22
C LEU A 349 -1.54 -24.22 -1.80
N LYS A 350 -0.63 -23.77 -0.93
CA LYS A 350 0.56 -23.06 -1.36
C LYS A 350 1.59 -22.90 -0.24
N THR A 351 2.85 -22.70 -0.61
CA THR A 351 3.92 -22.52 0.36
C THR A 351 4.79 -21.35 -0.08
N GLY A 352 5.65 -20.89 0.83
CA GLY A 352 6.52 -19.78 0.51
C GLY A 352 7.57 -19.51 1.55
N LYS A 353 8.46 -18.57 1.23
CA LYS A 353 9.57 -18.21 2.10
C LYS A 353 10.00 -16.75 1.96
N TYR A 354 10.11 -16.04 3.08
CA TYR A 354 10.56 -14.64 3.04
C TYR A 354 12.00 -14.59 3.52
N ALA A 355 12.90 -14.21 2.62
CA ALA A 355 14.33 -14.12 2.91
C ALA A 355 14.65 -13.13 4.02
N ARG A 356 15.85 -13.30 4.59
CA ARG A 356 16.34 -12.44 5.67
C ARG A 356 16.13 -10.96 5.40
N MET A 357 15.20 -10.37 6.13
CA MET A 357 14.92 -8.96 6.01
C MET A 357 15.77 -8.29 7.09
N ARG A 358 16.98 -7.88 6.72
CA ARG A 358 17.89 -7.24 7.67
C ARG A 358 17.69 -5.72 7.66
N GLY A 359 18.45 -5.02 8.49
CA GLY A 359 18.35 -3.58 8.54
C GLY A 359 19.20 -2.98 9.64
N ALA A 360 18.82 -1.80 10.12
CA ALA A 360 19.57 -1.15 11.19
C ALA A 360 19.19 -1.75 12.53
N HIS A 361 17.90 -2.07 12.72
CA HIS A 361 17.44 -2.67 13.96
C HIS A 361 15.93 -2.95 14.10
N THR A 362 15.60 -4.19 14.47
CA THR A 362 14.22 -4.63 14.70
C THR A 362 14.24 -5.77 15.70
N ASN A 363 13.08 -6.36 15.94
CA ASN A 363 12.96 -7.46 16.87
C ASN A 363 12.09 -8.54 16.26
N ASP A 364 12.43 -9.81 16.52
CA ASP A 364 11.68 -10.95 15.97
C ASP A 364 10.16 -10.77 15.97
N VAL A 365 9.61 -10.20 17.03
CA VAL A 365 8.16 -10.00 17.09
C VAL A 365 7.72 -9.05 15.96
N LYS A 366 8.58 -8.10 15.60
CA LYS A 366 8.24 -7.17 14.54
C LYS A 366 8.23 -7.90 13.20
N GLN A 367 9.32 -8.58 12.88
CA GLN A 367 9.42 -9.30 11.61
C GLN A 367 8.28 -10.29 11.39
N LEU A 368 7.88 -10.96 12.46
CA LEU A 368 6.78 -11.91 12.40
C LEU A 368 5.56 -11.13 11.88
N THR A 369 5.33 -9.97 12.47
CA THR A 369 4.21 -9.08 12.12
C THR A 369 4.20 -8.77 10.63
N GLU A 370 5.35 -8.40 10.10
CA GLU A 370 5.48 -8.10 8.68
C GLU A 370 5.23 -9.34 7.82
N ALA A 371 5.64 -10.53 8.28
CA ALA A 371 5.40 -11.75 7.51
C ALA A 371 3.90 -11.99 7.47
N VAL A 372 3.24 -11.77 8.60
CA VAL A 372 1.79 -11.95 8.68
C VAL A 372 1.06 -10.97 7.73
N GLN A 373 1.57 -9.74 7.59
CA GLN A 373 0.91 -8.78 6.70
C GLN A 373 1.14 -9.10 5.23
N LYS A 374 2.36 -9.55 4.89
CA LYS A 374 2.63 -9.91 3.51
C LYS A 374 1.73 -11.10 3.12
N ILE A 375 1.63 -12.08 4.00
CA ILE A 375 0.80 -13.24 3.71
C ILE A 375 -0.66 -12.81 3.57
N THR A 376 -1.07 -11.85 4.39
CA THR A 376 -2.45 -11.37 4.35
C THR A 376 -2.76 -10.63 3.05
N THR A 377 -1.84 -9.80 2.57
CA THR A 377 -2.09 -9.08 1.32
C THR A 377 -2.15 -10.09 0.18
N GLU A 378 -1.33 -11.14 0.28
CA GLU A 378 -1.23 -12.20 -0.70
C GLU A 378 -2.50 -13.06 -0.74
N SER A 379 -3.05 -13.33 0.44
CA SER A 379 -4.27 -14.13 0.56
C SER A 379 -5.50 -13.41 0.00
N ILE A 380 -5.58 -12.11 0.23
CA ILE A 380 -6.71 -11.37 -0.28
C ILE A 380 -6.71 -11.32 -1.82
N VAL A 381 -5.52 -11.24 -2.42
CA VAL A 381 -5.42 -11.24 -3.87
C VAL A 381 -5.84 -12.62 -4.42
N ILE A 382 -5.23 -13.69 -3.90
CA ILE A 382 -5.51 -15.06 -4.34
C ILE A 382 -6.95 -15.55 -4.09
N TRP A 383 -7.38 -15.50 -2.83
CA TRP A 383 -8.71 -15.99 -2.42
C TRP A 383 -9.74 -14.96 -1.96
N GLY A 384 -9.45 -13.66 -2.09
CA GLY A 384 -10.42 -12.68 -1.63
C GLY A 384 -10.84 -12.92 -0.18
N LYS A 385 -9.90 -13.38 0.63
CA LYS A 385 -10.17 -13.71 2.03
C LYS A 385 -8.89 -13.78 2.88
N THR A 386 -9.03 -13.54 4.18
CA THR A 386 -7.87 -13.59 5.08
C THR A 386 -7.91 -14.90 5.86
N PRO A 387 -6.78 -15.62 5.91
CA PRO A 387 -6.65 -16.90 6.62
C PRO A 387 -6.61 -16.80 8.14
N LYS A 388 -6.82 -17.94 8.80
CA LYS A 388 -6.73 -17.99 10.26
C LYS A 388 -5.29 -18.39 10.49
N PHE A 389 -4.57 -17.60 11.28
CA PHE A 389 -3.17 -17.87 11.55
C PHE A 389 -2.85 -18.76 12.72
N LYS A 390 -1.76 -19.51 12.56
CA LYS A 390 -1.23 -20.41 13.57
C LYS A 390 0.22 -19.94 13.69
N LEU A 391 0.45 -19.16 14.74
CA LEU A 391 1.74 -18.56 14.98
C LEU A 391 2.53 -19.18 16.12
N PRO A 392 3.84 -19.31 15.95
CA PRO A 392 4.71 -19.87 16.98
C PRO A 392 5.07 -18.85 18.07
N ILE A 393 4.07 -18.26 18.70
CA ILE A 393 4.33 -17.26 19.72
C ILE A 393 3.26 -17.22 20.82
N GLN A 394 3.73 -17.20 22.07
CA GLN A 394 2.85 -17.16 23.23
C GLN A 394 1.97 -15.91 23.19
N LYS A 395 0.69 -16.06 23.51
CA LYS A 395 -0.26 -14.94 23.51
C LYS A 395 0.21 -13.80 24.42
N GLU A 396 0.94 -14.14 25.47
CA GLU A 396 1.45 -13.16 26.41
C GLU A 396 2.61 -12.36 25.85
N THR A 397 3.48 -13.01 25.08
CA THR A 397 4.60 -12.32 24.47
C THR A 397 4.03 -11.22 23.55
N TRP A 398 3.02 -11.59 22.76
CA TRP A 398 2.36 -10.65 21.87
C TRP A 398 1.79 -9.51 22.70
N GLU A 399 0.87 -9.86 23.60
CA GLU A 399 0.24 -8.88 24.48
C GLU A 399 1.26 -8.00 25.21
N THR A 400 2.45 -8.53 25.51
CA THR A 400 3.45 -7.74 26.23
C THR A 400 4.19 -6.79 25.30
N TRP A 401 4.26 -7.16 24.02
CA TRP A 401 4.95 -6.31 23.07
C TRP A 401 4.06 -5.20 22.53
N TRP A 402 3.07 -5.57 21.71
CA TRP A 402 2.15 -4.60 21.13
C TRP A 402 1.57 -3.65 22.17
N THR A 403 1.26 -4.19 23.33
CA THR A 403 0.67 -3.38 24.40
C THR A 403 1.45 -2.08 24.61
N GLU A 404 2.78 -2.19 24.70
CA GLU A 404 3.63 -1.03 24.92
C GLU A 404 4.62 -0.65 23.81
N TYR A 405 4.28 -0.90 22.55
CA TYR A 405 5.19 -0.52 21.45
C TYR A 405 4.76 0.84 20.91
N TRP A 406 5.71 1.72 20.65
CA TRP A 406 5.40 3.07 20.15
C TRP A 406 4.68 3.10 18.80
N GLN A 407 4.75 2.00 18.05
CA GLN A 407 4.12 1.95 16.73
C GLN A 407 2.82 1.17 16.69
N ALA A 408 1.90 1.60 15.83
CA ALA A 408 0.63 0.91 15.68
C ALA A 408 0.96 -0.42 15.04
N THR A 409 0.36 -1.49 15.54
CA THR A 409 0.64 -2.82 15.00
C THR A 409 -0.55 -3.75 15.24
N TRP A 410 -0.70 -4.78 14.40
CA TRP A 410 -1.80 -5.71 14.56
C TRP A 410 -1.64 -7.03 13.81
N ILE A 411 -2.32 -8.07 14.31
CA ILE A 411 -2.31 -9.40 13.69
C ILE A 411 -3.77 -9.83 13.62
N PRO A 412 -4.25 -10.23 12.43
CA PRO A 412 -5.65 -10.66 12.32
C PRO A 412 -5.89 -11.85 13.25
N GLU A 413 -7.11 -12.35 13.30
CA GLU A 413 -7.48 -13.49 14.15
C GLU A 413 -6.49 -14.66 14.03
N TRP A 414 -5.80 -14.95 15.13
CA TRP A 414 -4.82 -16.02 15.16
C TRP A 414 -4.92 -16.91 16.39
N GLU A 415 -4.12 -17.97 16.38
CA GLU A 415 -4.07 -18.94 17.47
C GLU A 415 -2.63 -19.37 17.71
N PHE A 416 -2.32 -19.75 18.94
CA PHE A 416 -0.97 -20.20 19.28
C PHE A 416 -0.75 -21.65 18.84
N VAL A 417 0.51 -22.00 18.62
CA VAL A 417 0.87 -23.35 18.23
C VAL A 417 2.28 -23.53 18.76
N ASN A 418 2.44 -24.48 19.69
CA ASN A 418 3.74 -24.72 20.30
C ASN A 418 4.68 -25.53 19.41
N THR A 419 5.10 -24.97 18.29
CA THR A 419 6.01 -25.66 17.40
C THR A 419 7.36 -24.93 17.37
N PRO A 420 8.16 -25.14 18.41
CA PRO A 420 9.49 -24.53 18.57
C PRO A 420 10.37 -24.50 17.31
N PRO A 421 11.34 -23.56 17.27
CA PRO A 421 11.59 -22.59 18.34
C PRO A 421 10.52 -21.49 18.26
N LEU A 422 10.06 -21.01 19.40
CA LEU A 422 9.04 -19.95 19.41
C LEU A 422 9.66 -18.57 19.28
N VAL A 423 8.85 -17.57 18.90
CA VAL A 423 9.40 -16.22 18.81
C VAL A 423 9.14 -15.60 20.18
N LYS A 424 10.19 -15.03 20.77
CA LYS A 424 10.06 -14.41 22.09
C LYS A 424 10.78 -13.08 22.13
N LEU A 425 10.70 -12.41 23.28
CA LEU A 425 11.40 -11.16 23.49
C LEU A 425 12.70 -11.65 24.13
N TRP A 426 13.84 -11.29 23.56
CA TRP A 426 15.11 -11.72 24.09
C TRP A 426 15.53 -11.06 25.41
N TYR A 427 14.98 -9.87 25.69
CA TYR A 427 15.26 -9.16 26.94
C TYR A 427 14.21 -8.07 27.15
N GLN A 428 14.19 -7.47 28.35
CA GLN A 428 13.22 -6.42 28.67
C GLN A 428 13.81 -5.40 29.66
N LEU A 429 13.91 -4.15 29.25
CA LEU A 429 14.47 -3.12 30.16
C LEU A 429 13.56 -2.92 31.35
N GLU A 430 14.13 -2.64 32.51
CA GLU A 430 13.32 -2.43 33.70
C GLU A 430 12.54 -1.14 33.54
N LYS A 431 11.40 -1.04 34.21
CA LYS A 431 10.59 0.16 34.13
C LYS A 431 11.00 1.15 35.23
N GLU A 432 11.92 0.71 36.09
CA GLU A 432 12.36 1.55 37.20
C GLU A 432 13.82 1.23 37.50
N PRO A 433 14.53 2.16 38.19
CA PRO A 433 15.94 1.97 38.54
C PRO A 433 16.03 0.75 39.44
N ILE A 434 17.17 0.07 39.44
CA ILE A 434 17.31 -1.11 40.24
C ILE A 434 17.99 -0.80 41.57
N VAL A 435 17.28 -1.07 42.66
CA VAL A 435 17.83 -0.83 43.99
C VAL A 435 18.89 -1.88 44.29
N GLY A 436 20.08 -1.41 44.69
CA GLY A 436 21.16 -2.33 44.99
C GLY A 436 22.13 -2.60 43.84
N ALA A 437 21.77 -2.22 42.62
CA ALA A 437 22.67 -2.45 41.49
C ALA A 437 23.54 -1.23 41.18
N GLU A 438 24.78 -1.47 40.80
CA GLU A 438 25.70 -0.39 40.47
C GLU A 438 25.13 0.55 39.39
N THR A 439 25.54 1.82 39.43
CA THR A 439 25.05 2.81 38.48
C THR A 439 26.20 3.36 37.65
N PHE A 440 26.23 3.01 36.38
CA PHE A 440 27.30 3.50 35.49
C PHE A 440 26.95 4.82 34.80
N TYR A 441 27.81 5.82 34.96
CA TYR A 441 27.61 7.10 34.27
C TYR A 441 28.55 7.06 33.06
N VAL A 442 27.99 6.84 31.87
CA VAL A 442 28.80 6.71 30.66
C VAL A 442 28.78 7.90 29.72
N ASP A 443 29.93 8.17 29.11
CA ASP A 443 30.01 9.26 28.15
C ASP A 443 30.98 8.94 27.02
N GLY A 444 30.70 9.54 25.86
CA GLY A 444 31.55 9.32 24.70
C GLY A 444 31.61 10.54 23.82
N ALA A 445 32.80 10.79 23.30
CA ALA A 445 33.06 11.91 22.41
C ALA A 445 34.35 11.59 21.66
N ALA A 446 34.47 12.13 20.45
CA ALA A 446 35.66 11.88 19.64
C ALA A 446 35.73 12.85 18.47
N ASN A 447 36.96 13.12 18.03
CA ASN A 447 37.18 14.03 16.91
C ASN A 447 36.67 13.31 15.65
N ARG A 448 35.50 13.74 15.18
CA ARG A 448 34.88 13.15 13.99
C ARG A 448 35.79 13.41 12.80
N GLU A 449 36.83 14.20 13.04
CA GLU A 449 37.78 14.52 12.01
C GLU A 449 39.01 13.62 12.08
N THR A 450 39.59 13.47 13.27
CA THR A 450 40.76 12.61 13.45
C THR A 450 40.31 11.17 13.56
N LYS A 451 39.03 10.99 13.89
CA LYS A 451 38.41 9.67 14.06
C LYS A 451 39.06 8.89 15.21
N LEU A 452 39.62 9.64 16.15
CA LEU A 452 40.23 9.06 17.35
C LEU A 452 39.20 9.33 18.44
N GLY A 453 39.60 9.92 19.55
CA GLY A 453 38.61 10.19 20.58
C GLY A 453 38.45 9.04 21.54
N LYS A 454 37.47 9.15 22.43
CA LYS A 454 37.27 8.10 23.43
C LYS A 454 35.89 8.05 24.11
N ALA A 455 35.69 7.01 24.90
CA ALA A 455 34.45 6.81 25.62
C ALA A 455 34.74 6.04 26.88
N GLY A 456 33.95 6.29 27.92
CA GLY A 456 34.17 5.59 29.17
C GLY A 456 33.02 5.75 30.13
N TYR A 457 33.26 5.36 31.37
CA TYR A 457 32.25 5.44 32.43
C TYR A 457 32.90 5.67 33.78
N VAL A 458 32.06 5.93 34.78
CA VAL A 458 32.50 6.11 36.16
C VAL A 458 31.26 5.77 36.97
N THR A 459 31.39 4.88 37.96
CA THR A 459 30.23 4.49 38.74
C THR A 459 30.18 5.05 40.15
N ASN A 460 29.05 4.86 40.80
CA ASN A 460 28.86 5.32 42.17
C ASN A 460 29.76 4.53 43.11
N ARG A 461 30.09 3.31 42.71
CA ARG A 461 30.95 2.43 43.51
C ARG A 461 32.44 2.74 43.39
N GLY A 462 32.77 3.72 42.54
CA GLY A 462 34.16 4.11 42.39
C GLY A 462 34.85 3.63 41.12
N ARG A 463 34.30 2.60 40.49
CA ARG A 463 34.88 2.04 39.27
C ARG A 463 34.94 3.02 38.11
N GLN A 464 36.06 3.04 37.41
CA GLN A 464 36.21 3.93 36.26
C GLN A 464 37.06 3.31 35.14
N LYS A 465 37.09 3.98 33.99
CA LYS A 465 37.83 3.51 32.83
C LYS A 465 37.67 4.46 31.64
N VAL A 466 38.64 4.42 30.74
CA VAL A 466 38.61 5.24 29.54
C VAL A 466 39.43 4.54 28.47
N VAL A 467 38.89 4.53 27.26
CA VAL A 467 39.58 3.89 26.14
C VAL A 467 39.63 4.85 24.98
N THR A 468 40.79 4.90 24.33
CA THR A 468 41.01 5.76 23.18
C THR A 468 40.74 4.92 21.94
N LEU A 469 39.95 5.46 21.02
CA LEU A 469 39.58 4.73 19.82
C LEU A 469 40.12 5.33 18.54
N THR A 470 41.03 4.61 17.88
CA THR A 470 41.60 5.09 16.62
C THR A 470 40.62 4.76 15.50
N ASP A 471 40.34 5.74 14.65
CA ASP A 471 39.43 5.56 13.54
C ASP A 471 38.04 5.14 14.03
N THR A 472 37.33 6.08 14.66
CA THR A 472 35.98 5.81 15.18
C THR A 472 35.05 7.01 14.89
N THR A 473 33.86 7.00 15.47
CA THR A 473 32.92 8.09 15.23
C THR A 473 32.19 8.55 16.49
N ASN A 474 31.25 9.46 16.30
CA ASN A 474 30.48 10.02 17.40
C ASN A 474 29.53 9.00 18.03
N GLN A 475 28.52 8.57 17.27
CA GLN A 475 27.55 7.62 17.77
C GLN A 475 28.27 6.36 18.27
N LYS A 476 29.38 6.02 17.63
CA LYS A 476 30.11 4.83 18.02
C LYS A 476 30.77 4.96 19.40
N THR A 477 31.20 6.17 19.76
CA THR A 477 31.80 6.37 21.07
C THR A 477 30.69 6.29 22.11
N GLU A 478 29.55 6.90 21.81
CA GLU A 478 28.41 6.83 22.70
C GLU A 478 28.10 5.34 22.95
N LEU A 479 27.87 4.62 21.86
CA LEU A 479 27.54 3.19 21.93
C LEU A 479 28.62 2.35 22.60
N GLN A 480 29.89 2.62 22.28
CA GLN A 480 30.99 1.86 22.88
C GLN A 480 31.00 2.12 24.39
N ALA A 481 30.66 3.34 24.78
CA ALA A 481 30.58 3.74 26.20
C ALA A 481 29.61 2.78 26.89
N ILE A 482 28.37 2.73 26.38
CA ILE A 482 27.34 1.85 26.91
C ILE A 482 27.85 0.40 26.89
N TYR A 483 28.58 0.04 25.84
CA TYR A 483 29.10 -1.30 25.73
C TYR A 483 30.06 -1.66 26.84
N LEU A 484 30.98 -0.77 27.17
CA LEU A 484 31.94 -1.05 28.25
C LEU A 484 31.22 -1.30 29.57
N ALA A 485 30.31 -0.39 29.92
CA ALA A 485 29.53 -0.49 31.14
C ALA A 485 28.87 -1.88 31.24
N LEU A 486 28.17 -2.29 30.19
CA LEU A 486 27.53 -3.60 30.19
C LEU A 486 28.55 -4.71 30.35
N GLN A 487 29.73 -4.56 29.76
CA GLN A 487 30.76 -5.60 29.88
C GLN A 487 31.38 -5.74 31.27
N ASP A 488 31.73 -4.61 31.87
CA ASP A 488 32.38 -4.59 33.17
C ASP A 488 31.47 -4.67 34.40
N SER A 489 30.15 -4.61 34.19
CA SER A 489 29.21 -4.66 35.29
C SER A 489 28.71 -6.07 35.60
N GLY A 490 28.02 -6.19 36.74
CA GLY A 490 27.47 -7.47 37.17
C GLY A 490 26.18 -7.87 36.46
N LEU A 491 25.45 -8.82 37.03
CA LEU A 491 24.20 -9.31 36.43
C LEU A 491 23.01 -8.33 36.48
N GLU A 492 23.17 -7.22 37.21
CA GLU A 492 22.14 -6.19 37.34
C GLU A 492 22.82 -4.84 37.21
N VAL A 493 22.22 -3.90 36.48
CA VAL A 493 22.86 -2.60 36.27
C VAL A 493 21.95 -1.45 35.94
N ASN A 494 22.39 -0.25 36.30
CA ASN A 494 21.70 0.98 35.97
C ASN A 494 22.69 1.71 35.05
N ILE A 495 22.23 2.26 33.92
CA ILE A 495 23.14 2.99 33.02
C ILE A 495 22.58 4.35 32.59
N VAL A 496 23.37 5.38 32.88
CA VAL A 496 23.01 6.76 32.56
C VAL A 496 23.78 7.23 31.30
N THR A 497 23.06 7.66 30.26
CA THR A 497 23.69 8.10 29.03
C THR A 497 23.01 9.34 28.49
N ASP A 498 23.77 10.16 27.78
CA ASP A 498 23.22 11.38 27.19
C ASP A 498 22.97 11.16 25.69
N SER A 499 23.27 9.95 25.23
CA SER A 499 23.11 9.55 23.82
C SER A 499 21.67 9.43 23.32
N GLN A 500 21.36 10.17 22.25
CA GLN A 500 20.02 10.15 21.67
C GLN A 500 19.69 8.78 21.11
N TYR A 501 20.72 8.06 20.66
CA TYR A 501 20.57 6.73 20.10
C TYR A 501 20.10 5.71 21.13
N ALA A 502 20.71 5.71 22.30
CA ALA A 502 20.30 4.79 23.35
C ALA A 502 18.81 5.04 23.62
N LEU A 503 18.43 6.31 23.60
CA LEU A 503 17.04 6.68 23.83
C LEU A 503 16.18 5.89 22.82
N GLY A 504 16.73 5.64 21.64
CA GLY A 504 16.02 4.90 20.61
C GLY A 504 15.89 3.45 21.01
N ILE A 505 16.95 2.91 21.62
CA ILE A 505 16.98 1.53 22.11
C ILE A 505 15.96 1.31 23.22
N ILE A 506 15.62 2.39 23.93
CA ILE A 506 14.67 2.34 25.03
C ILE A 506 13.27 2.19 24.47
N GLN A 507 12.97 2.99 23.45
CA GLN A 507 11.67 2.97 22.80
C GLN A 507 11.42 1.71 21.94
N ALA A 508 12.48 1.08 21.43
CA ALA A 508 12.32 -0.11 20.57
C ALA A 508 12.88 -1.46 21.05
N GLN A 509 13.96 -1.45 21.82
CA GLN A 509 14.53 -2.69 22.33
C GLN A 509 14.74 -3.80 21.28
N PRO A 510 15.56 -3.53 20.25
CA PRO A 510 15.85 -4.46 19.16
C PRO A 510 16.66 -5.68 19.57
N ASP A 511 16.76 -6.64 18.67
CA ASP A 511 17.52 -7.86 18.90
C ASP A 511 18.34 -8.25 17.67
N GLN A 512 18.25 -7.45 16.61
CA GLN A 512 19.05 -7.73 15.43
C GLN A 512 19.47 -6.42 14.76
N SER A 513 20.67 -6.41 14.19
CA SER A 513 21.14 -5.18 13.57
C SER A 513 22.33 -5.39 12.65
N GLU A 514 22.48 -4.41 11.75
CA GLU A 514 23.56 -4.34 10.76
C GLU A 514 24.88 -4.12 11.49
N SER A 515 24.89 -3.10 12.35
CA SER A 515 26.04 -2.67 13.13
C SER A 515 26.62 -3.71 14.08
N GLU A 516 27.91 -3.96 13.90
CA GLU A 516 28.62 -4.93 14.73
C GLU A 516 28.53 -4.52 16.23
N LEU A 517 28.58 -3.22 16.48
CA LEU A 517 28.52 -2.68 17.83
C LEU A 517 27.19 -2.97 18.50
N VAL A 518 26.11 -2.45 17.90
CA VAL A 518 24.78 -2.66 18.43
C VAL A 518 24.62 -4.15 18.75
N ASN A 519 25.10 -4.99 17.85
CA ASN A 519 25.05 -6.43 18.04
C ASN A 519 25.71 -6.81 19.35
N GLN A 520 26.93 -6.33 19.55
CA GLN A 520 27.67 -6.62 20.77
C GLN A 520 26.86 -6.20 21.99
N ILE A 521 26.25 -5.01 21.91
CA ILE A 521 25.42 -4.50 22.99
C ILE A 521 24.21 -5.43 23.24
N ILE A 522 23.53 -5.82 22.17
CA ILE A 522 22.39 -6.72 22.28
C ILE A 522 22.84 -8.01 22.98
N GLU A 523 23.91 -8.61 22.51
CA GLU A 523 24.35 -9.83 23.15
C GLU A 523 24.50 -9.62 24.63
N GLN A 524 25.15 -8.52 25.00
CA GLN A 524 25.36 -8.20 26.41
C GLN A 524 24.06 -7.89 27.18
N LEU A 525 23.08 -7.26 26.52
CA LEU A 525 21.84 -6.94 27.18
C LEU A 525 21.05 -8.22 27.49
N ILE A 526 21.14 -9.20 26.60
CA ILE A 526 20.44 -10.48 26.77
C ILE A 526 21.01 -11.27 27.95
N LYS A 527 22.30 -11.06 28.23
CA LYS A 527 22.97 -11.75 29.33
C LYS A 527 22.53 -11.27 30.71
N LYS A 528 22.46 -9.97 30.93
CA LYS A 528 22.07 -9.45 32.24
C LYS A 528 20.72 -9.99 32.72
N GLU A 529 20.53 -10.02 34.03
CA GLU A 529 19.26 -10.48 34.59
C GLU A 529 18.30 -9.30 34.68
N LYS A 530 18.86 -8.12 34.97
CA LYS A 530 18.10 -6.87 35.07
C LYS A 530 18.94 -5.71 34.55
N VAL A 531 18.33 -4.87 33.70
CA VAL A 531 19.02 -3.71 33.15
C VAL A 531 18.09 -2.51 33.07
N TYR A 532 18.51 -1.39 33.64
CA TYR A 532 17.75 -0.16 33.57
C TYR A 532 18.58 0.84 32.78
N LEU A 533 18.01 1.39 31.71
CA LEU A 533 18.74 2.36 30.91
C LEU A 533 18.06 3.72 31.01
N ALA A 534 18.84 4.74 31.38
CA ALA A 534 18.29 6.08 31.54
C ALA A 534 19.00 7.11 30.67
N TRP A 535 18.23 8.07 30.16
CA TRP A 535 18.77 9.15 29.31
C TRP A 535 18.65 10.48 30.05
N VAL A 536 19.66 11.33 29.92
CA VAL A 536 19.65 12.64 30.59
C VAL A 536 20.21 13.67 29.61
N PRO A 537 19.67 14.90 29.62
CA PRO A 537 20.16 15.96 28.73
C PRO A 537 21.65 16.14 28.96
N ALA A 538 22.37 16.59 27.91
CA ALA A 538 23.82 16.71 27.98
C ALA A 538 24.43 17.84 28.79
N HIS A 539 24.13 19.06 28.33
CA HIS A 539 24.76 20.27 28.86
C HIS A 539 24.54 20.92 30.22
N LYS A 540 25.64 20.93 30.97
CA LYS A 540 25.75 21.56 32.29
C LYS A 540 24.43 21.90 32.99
N ILE B 5 -30.31 19.48 -16.00
CA ILE B 5 -30.01 20.87 -16.34
C ILE B 5 -28.97 20.92 -17.47
N GLU B 6 -27.97 21.78 -17.33
CA GLU B 6 -26.89 21.93 -18.30
C GLU B 6 -25.57 21.70 -17.56
N THR B 7 -24.49 21.55 -18.31
CA THR B 7 -23.19 21.31 -17.68
C THR B 7 -22.19 22.44 -17.88
N VAL B 8 -21.56 22.84 -16.79
CA VAL B 8 -20.57 23.89 -16.80
C VAL B 8 -19.21 23.26 -17.09
N PRO B 9 -18.47 23.79 -18.07
CA PRO B 9 -17.16 23.25 -18.43
C PRO B 9 -16.24 23.18 -17.22
N VAL B 10 -15.41 22.15 -17.16
CA VAL B 10 -14.49 21.98 -16.04
C VAL B 10 -13.15 21.48 -16.53
N LYS B 11 -12.07 22.07 -16.04
CA LYS B 11 -10.74 21.64 -16.48
C LYS B 11 -9.85 21.24 -15.31
N LEU B 12 -8.72 20.63 -15.65
CA LEU B 12 -7.74 20.24 -14.65
C LEU B 12 -6.85 21.49 -14.56
N LYS B 13 -5.86 21.50 -13.68
CA LYS B 13 -4.97 22.65 -13.59
C LYS B 13 -3.92 22.55 -14.70
N PRO B 14 -3.47 23.70 -15.22
CA PRO B 14 -2.48 23.77 -16.30
C PRO B 14 -1.36 22.74 -16.18
N GLY B 15 -1.13 21.98 -17.25
CA GLY B 15 -0.09 20.97 -17.24
C GLY B 15 -0.36 19.69 -16.47
N MET B 16 -1.51 19.62 -15.80
CA MET B 16 -1.88 18.44 -15.04
C MET B 16 -2.57 17.37 -15.91
N ASP B 17 -2.16 16.13 -15.77
CA ASP B 17 -2.81 15.05 -16.51
C ASP B 17 -3.78 14.39 -15.53
N GLY B 18 -4.61 13.48 -16.03
CA GLY B 18 -5.58 12.82 -15.18
C GLY B 18 -4.99 11.75 -14.27
N PRO B 19 -5.65 11.42 -13.15
CA PRO B 19 -5.13 10.40 -12.23
C PRO B 19 -5.02 8.99 -12.81
N LYS B 20 -4.03 8.25 -12.33
CA LYS B 20 -3.78 6.87 -12.74
C LYS B 20 -3.34 6.08 -11.50
N VAL B 21 -4.15 6.15 -10.44
CA VAL B 21 -3.85 5.47 -9.20
C VAL B 21 -4.24 3.98 -9.26
N LYS B 22 -3.36 3.09 -8.81
CA LYS B 22 -3.70 1.67 -8.88
C LYS B 22 -4.74 1.26 -7.85
N GLN B 23 -5.62 0.35 -8.26
CA GLN B 23 -6.69 -0.16 -7.41
C GLN B 23 -6.16 -1.25 -6.49
N TRP B 24 -6.36 -1.07 -5.19
CA TRP B 24 -5.89 -2.07 -4.24
C TRP B 24 -6.85 -3.26 -4.18
N PRO B 25 -6.34 -4.44 -3.84
CA PRO B 25 -7.13 -5.67 -3.75
C PRO B 25 -8.24 -5.60 -2.69
N LEU B 26 -9.34 -6.28 -2.98
CA LEU B 26 -10.51 -6.29 -2.12
C LEU B 26 -11.01 -7.68 -1.81
N THR B 27 -11.68 -7.82 -0.67
CA THR B 27 -12.26 -9.11 -0.26
C THR B 27 -13.45 -9.45 -1.17
N GLU B 28 -13.74 -10.74 -1.27
CA GLU B 28 -14.86 -11.19 -2.10
C GLU B 28 -16.17 -10.47 -1.76
N GLU B 29 -16.44 -10.31 -0.47
CA GLU B 29 -17.68 -9.63 -0.06
C GLU B 29 -17.79 -8.19 -0.50
N LYS B 30 -16.68 -7.45 -0.48
CA LYS B 30 -16.72 -6.06 -0.91
C LYS B 30 -16.92 -5.97 -2.43
N ILE B 31 -16.31 -6.88 -3.16
CA ILE B 31 -16.43 -6.89 -4.61
C ILE B 31 -17.90 -7.14 -5.01
N LYS B 32 -18.54 -8.12 -4.37
CA LYS B 32 -19.93 -8.45 -4.63
C LYS B 32 -20.87 -7.28 -4.33
N ALA B 33 -20.59 -6.58 -3.25
CA ALA B 33 -21.42 -5.43 -2.89
C ALA B 33 -21.23 -4.33 -3.94
N LEU B 34 -19.98 -4.11 -4.36
CA LEU B 34 -19.68 -3.10 -5.37
C LEU B 34 -20.29 -3.47 -6.72
N VAL B 35 -20.27 -4.75 -7.07
CA VAL B 35 -20.89 -5.16 -8.32
C VAL B 35 -22.40 -4.84 -8.24
N GLU B 36 -23.04 -5.19 -7.14
CA GLU B 36 -24.47 -4.91 -6.96
C GLU B 36 -24.80 -3.43 -7.08
N ILE B 37 -24.12 -2.62 -6.26
CA ILE B 37 -24.32 -1.18 -6.29
C ILE B 37 -24.10 -0.60 -7.68
N CYS B 38 -23.03 -0.99 -8.35
CA CYS B 38 -22.75 -0.44 -9.69
C CYS B 38 -23.73 -0.89 -10.78
N THR B 39 -24.21 -2.13 -10.73
CA THR B 39 -25.16 -2.55 -11.76
C THR B 39 -26.42 -1.69 -11.65
N GLU B 40 -26.75 -1.25 -10.44
CA GLU B 40 -27.93 -0.40 -10.21
C GLU B 40 -27.70 1.00 -10.74
N MET B 41 -26.54 1.56 -10.44
CA MET B 41 -26.21 2.92 -10.87
C MET B 41 -26.15 3.02 -12.39
N GLU B 42 -25.68 1.94 -13.01
CA GLU B 42 -25.55 1.85 -14.45
C GLU B 42 -26.94 1.88 -15.08
N LYS B 43 -27.87 1.18 -14.44
CA LYS B 43 -29.24 1.12 -14.94
C LYS B 43 -29.90 2.47 -14.89
N GLU B 44 -29.54 3.28 -13.90
CA GLU B 44 -30.12 4.60 -13.76
C GLU B 44 -29.37 5.67 -14.50
N GLY B 45 -28.38 5.26 -15.29
CA GLY B 45 -27.61 6.20 -16.07
C GLY B 45 -26.59 7.05 -15.32
N LYS B 46 -26.38 6.78 -14.04
CA LYS B 46 -25.42 7.55 -13.26
C LYS B 46 -24.00 7.30 -13.77
N ILE B 47 -23.68 6.04 -14.04
CA ILE B 47 -22.38 5.66 -14.56
C ILE B 47 -22.53 4.73 -15.78
N SER B 48 -21.51 4.71 -16.64
CA SER B 48 -21.52 3.86 -17.83
C SER B 48 -20.20 3.12 -17.95
N LYS B 49 -20.21 1.98 -18.63
CA LYS B 49 -18.97 1.24 -18.82
C LYS B 49 -18.10 2.00 -19.82
N ILE B 50 -16.79 1.75 -19.80
CA ILE B 50 -15.86 2.46 -20.70
C ILE B 50 -14.86 1.57 -21.47
N GLY B 51 -14.31 2.12 -22.55
CA GLY B 51 -13.35 1.39 -23.36
C GLY B 51 -11.89 1.49 -22.94
N PRO B 52 -11.02 0.68 -23.56
CA PRO B 52 -9.59 0.69 -23.25
C PRO B 52 -8.88 1.99 -23.58
N GLU B 53 -9.51 2.84 -24.40
CA GLU B 53 -8.88 4.11 -24.77
C GLU B 53 -8.88 5.12 -23.63
N ASN B 54 -9.45 4.74 -22.49
CA ASN B 54 -9.47 5.56 -21.29
C ASN B 54 -8.40 4.92 -20.39
N PRO B 55 -7.29 5.62 -20.14
CA PRO B 55 -6.20 5.11 -19.32
C PRO B 55 -6.18 5.57 -17.85
N TYR B 56 -7.08 6.50 -17.50
CA TYR B 56 -7.12 7.01 -16.14
C TYR B 56 -7.74 6.04 -15.13
N ASN B 57 -7.62 6.36 -13.84
CA ASN B 57 -8.17 5.50 -12.79
C ASN B 57 -8.06 6.02 -11.37
N THR B 58 -9.14 5.86 -10.62
CA THR B 58 -9.23 6.28 -9.22
C THR B 58 -9.63 5.04 -8.41
N PRO B 59 -9.04 4.83 -7.24
CA PRO B 59 -9.40 3.65 -6.46
C PRO B 59 -10.76 3.70 -5.77
N VAL B 60 -11.41 2.54 -5.66
CA VAL B 60 -12.72 2.46 -5.01
C VAL B 60 -12.75 1.37 -3.94
N PHE B 61 -13.61 1.55 -2.94
CA PHE B 61 -13.78 0.50 -1.93
C PHE B 61 -15.16 0.54 -1.26
N ALA B 62 -15.38 -0.36 -0.32
CA ALA B 62 -16.69 -0.46 0.32
C ALA B 62 -16.67 -0.42 1.84
N ILE B 63 -17.45 0.51 2.40
CA ILE B 63 -17.56 0.69 3.83
C ILE B 63 -19.00 0.38 4.26
N LYS B 64 -19.27 0.39 5.56
CA LYS B 64 -20.63 0.12 6.04
C LYS B 64 -21.44 1.40 6.21
N ASP B 67 -23.62 0.98 7.73
CA ASP B 67 -23.82 0.99 9.17
C ASP B 67 -24.08 -0.46 9.69
N SER B 68 -25.18 -1.12 9.28
CA SER B 68 -25.38 -2.47 9.82
C SER B 68 -25.55 -3.51 8.68
N THR B 69 -26.64 -3.36 7.92
CA THR B 69 -26.98 -4.27 6.83
C THR B 69 -26.34 -4.08 5.47
N LYS B 70 -26.66 -2.98 4.79
CA LYS B 70 -26.11 -2.72 3.46
C LYS B 70 -24.72 -2.06 3.46
N TRP B 71 -24.12 -1.99 2.28
CA TRP B 71 -22.82 -1.38 2.11
C TRP B 71 -22.91 -0.08 1.34
N ARG B 72 -21.96 0.81 1.60
CA ARG B 72 -21.87 2.10 0.92
C ARG B 72 -20.58 2.09 0.11
N LYS B 73 -20.61 2.72 -1.04
CA LYS B 73 -19.45 2.78 -1.91
C LYS B 73 -18.66 4.04 -1.59
N LEU B 74 -17.34 3.90 -1.50
CA LEU B 74 -16.47 5.04 -1.23
C LEU B 74 -15.38 5.14 -2.28
N VAL B 75 -15.33 6.29 -2.93
CA VAL B 75 -14.34 6.56 -3.95
C VAL B 75 -13.32 7.56 -3.41
N ASP B 76 -12.05 7.25 -3.60
CA ASP B 76 -10.97 8.12 -3.14
C ASP B 76 -10.54 9.05 -4.27
N PHE B 77 -11.15 10.22 -4.38
CA PHE B 77 -10.78 11.17 -5.44
C PHE B 77 -9.73 12.17 -4.99
N ARG B 78 -8.97 11.81 -3.95
CA ARG B 78 -7.92 12.70 -3.45
C ARG B 78 -6.99 13.19 -4.54
N GLU B 79 -6.53 12.30 -5.43
CA GLU B 79 -5.64 12.73 -6.53
C GLU B 79 -6.35 13.59 -7.56
N LEU B 80 -7.58 13.23 -7.90
CA LEU B 80 -8.31 14.02 -8.88
C LEU B 80 -8.59 15.40 -8.29
N ASN B 81 -8.96 15.45 -7.02
CA ASN B 81 -9.23 16.74 -6.39
C ASN B 81 -8.02 17.69 -6.50
N LYS B 82 -6.83 17.20 -6.21
CA LYS B 82 -5.63 18.03 -6.27
C LYS B 82 -5.41 18.57 -7.66
N ARG B 83 -5.61 17.71 -8.66
CA ARG B 83 -5.44 18.08 -10.06
C ARG B 83 -6.64 18.86 -10.62
N THR B 84 -7.74 18.89 -9.86
CA THR B 84 -8.94 19.60 -10.29
C THR B 84 -8.79 21.10 -10.07
N GLN B 85 -9.21 21.89 -11.06
CA GLN B 85 -9.12 23.35 -10.99
C GLN B 85 -9.75 23.88 -9.70
N ASP B 86 -9.55 25.17 -9.45
CA ASP B 86 -10.11 25.81 -8.27
C ASP B 86 -11.37 26.52 -8.70
N PHE B 87 -12.28 26.75 -7.75
CA PHE B 87 -13.57 27.41 -8.03
C PHE B 87 -13.82 28.59 -7.09
N TRP B 88 -12.80 29.42 -6.92
CA TRP B 88 -12.90 30.58 -6.04
C TRP B 88 -13.24 31.83 -6.84
N GLY B 93 -16.46 27.83 -3.94
CA GLY B 93 -17.26 27.40 -2.81
C GLY B 93 -17.55 28.53 -1.85
N ILE B 94 -18.31 28.23 -0.79
CA ILE B 94 -18.66 29.24 0.22
C ILE B 94 -17.52 29.45 1.19
N PRO B 95 -17.56 30.54 1.97
CA PRO B 95 -16.51 30.82 2.95
C PRO B 95 -16.71 29.96 4.20
N HIS B 96 -16.21 30.44 5.34
CA HIS B 96 -16.34 29.70 6.58
C HIS B 96 -16.89 30.55 7.72
N PRO B 97 -18.12 30.26 8.17
CA PRO B 97 -18.77 31.00 9.26
C PRO B 97 -18.05 30.84 10.59
N ALA B 98 -17.36 31.89 11.00
CA ALA B 98 -16.61 31.90 12.25
C ALA B 98 -17.53 31.60 13.43
N GLY B 99 -18.83 31.58 13.17
CA GLY B 99 -19.78 31.31 14.23
C GLY B 99 -20.00 29.83 14.49
N LEU B 100 -20.11 29.07 13.41
CA LEU B 100 -20.32 27.62 13.49
C LEU B 100 -19.49 26.95 14.58
N LYS B 101 -18.21 27.33 14.63
CA LYS B 101 -17.27 26.78 15.60
C LYS B 101 -17.57 27.24 17.03
N LYS B 102 -18.18 28.42 17.15
CA LYS B 102 -18.51 28.98 18.46
C LYS B 102 -19.87 28.54 19.02
N LYS B 103 -20.62 27.78 18.23
CA LYS B 103 -21.92 27.29 18.67
C LYS B 103 -21.85 26.51 19.97
N LYS B 104 -22.85 25.65 20.17
CA LYS B 104 -22.93 24.81 21.36
C LYS B 104 -23.12 23.36 20.97
N SER B 105 -23.83 23.12 19.86
CA SER B 105 -24.08 21.76 19.38
C SER B 105 -24.21 21.67 17.85
N VAL B 106 -23.34 20.89 17.23
CA VAL B 106 -23.39 20.73 15.78
C VAL B 106 -23.70 19.30 15.38
N THR B 107 -24.49 19.14 14.31
CA THR B 107 -24.84 17.82 13.81
C THR B 107 -24.41 17.70 12.34
N VAL B 108 -23.95 16.51 11.96
CA VAL B 108 -23.48 16.26 10.60
C VAL B 108 -24.50 15.45 9.79
N LEU B 109 -24.78 15.91 8.58
CA LEU B 109 -25.73 15.23 7.71
C LEU B 109 -25.10 14.91 6.36
N ASP B 110 -25.36 13.70 5.87
CA ASP B 110 -24.82 13.24 4.60
C ASP B 110 -25.77 13.65 3.47
N VAL B 111 -25.30 14.53 2.59
CA VAL B 111 -26.11 15.00 1.46
C VAL B 111 -25.54 14.61 0.10
N GLY B 112 -24.76 13.54 0.05
CA GLY B 112 -24.16 13.13 -1.21
C GLY B 112 -25.15 12.74 -2.28
N ASP B 113 -26.35 12.35 -1.86
CA ASP B 113 -27.39 11.95 -2.78
C ASP B 113 -27.83 13.09 -3.69
N ALA B 114 -27.71 14.31 -3.17
CA ALA B 114 -28.08 15.49 -3.92
C ALA B 114 -27.42 15.56 -5.28
N TYR B 115 -26.16 15.16 -5.34
CA TYR B 115 -25.38 15.23 -6.57
C TYR B 115 -25.83 14.41 -7.77
N PHE B 116 -26.38 13.22 -7.54
CA PHE B 116 -26.78 12.34 -8.64
C PHE B 116 -27.76 12.96 -9.66
N SER B 117 -28.32 14.11 -9.32
CA SER B 117 -29.29 14.77 -10.20
C SER B 117 -28.68 15.78 -11.17
N VAL B 118 -27.36 15.98 -11.12
CA VAL B 118 -26.75 16.94 -12.02
C VAL B 118 -25.73 16.31 -12.92
N PRO B 119 -25.90 16.50 -14.24
CA PRO B 119 -25.00 15.96 -15.27
C PRO B 119 -23.59 16.57 -15.22
N LEU B 120 -22.58 15.72 -15.39
CA LEU B 120 -21.18 16.16 -15.40
C LEU B 120 -20.75 16.44 -16.85
N ASP B 121 -20.07 17.57 -17.05
CA ASP B 121 -19.60 17.95 -18.38
C ASP B 121 -18.97 16.74 -19.06
N GLU B 122 -19.54 16.34 -20.19
CA GLU B 122 -19.06 15.18 -20.94
C GLU B 122 -17.56 15.12 -21.19
N ASP B 123 -16.93 16.27 -21.41
CA ASP B 123 -15.50 16.32 -21.67
C ASP B 123 -14.65 15.91 -20.45
N PHE B 124 -15.20 16.14 -19.26
CA PHE B 124 -14.52 15.81 -18.00
C PHE B 124 -14.74 14.38 -17.50
N ARG B 125 -15.84 13.77 -17.91
CA ARG B 125 -16.20 12.43 -17.47
C ARG B 125 -15.10 11.38 -17.37
N LYS B 126 -14.29 11.24 -18.41
CA LYS B 126 -13.22 10.24 -18.43
C LYS B 126 -12.31 10.24 -17.22
N TYR B 127 -12.03 11.42 -16.69
CA TYR B 127 -11.17 11.55 -15.53
C TYR B 127 -11.69 10.86 -14.26
N THR B 128 -12.97 10.48 -14.24
CA THR B 128 -13.51 9.83 -13.06
C THR B 128 -13.55 8.33 -13.16
N ALA B 129 -12.82 7.76 -14.12
CA ALA B 129 -12.80 6.32 -14.29
C ALA B 129 -12.37 5.54 -13.04
N PHE B 130 -13.01 4.39 -12.81
CA PHE B 130 -12.66 3.52 -11.68
C PHE B 130 -12.77 2.03 -12.03
N THR B 131 -12.21 1.17 -11.19
CA THR B 131 -12.19 -0.27 -11.49
C THR B 131 -12.57 -1.24 -10.37
N ILE B 132 -13.53 -2.12 -10.64
CA ILE B 132 -13.90 -3.13 -9.65
C ILE B 132 -13.00 -4.33 -9.96
N PRO B 133 -12.08 -4.67 -9.05
CA PRO B 133 -11.19 -5.80 -9.29
C PRO B 133 -11.87 -7.17 -9.20
N SER B 134 -11.13 -8.19 -9.61
CA SER B 134 -11.60 -9.57 -9.56
C SER B 134 -10.70 -10.33 -8.61
N ILE B 135 -11.00 -11.60 -8.40
CA ILE B 135 -10.22 -12.41 -7.50
C ILE B 135 -9.27 -13.31 -8.29
N ASN B 136 -8.05 -13.46 -7.80
CA ASN B 136 -7.05 -14.33 -8.43
C ASN B 136 -6.71 -14.00 -9.90
N ASN B 137 -7.04 -12.78 -10.32
CA ASN B 137 -6.76 -12.33 -11.67
C ASN B 137 -7.56 -13.08 -12.72
N GLU B 138 -8.53 -13.87 -12.28
CA GLU B 138 -9.35 -14.65 -13.20
C GLU B 138 -9.95 -13.81 -14.33
N THR B 139 -10.26 -12.57 -14.02
CA THR B 139 -10.92 -11.71 -14.98
C THR B 139 -10.51 -10.24 -14.94
N PRO B 140 -10.53 -9.55 -16.09
CA PRO B 140 -10.16 -8.14 -16.08
C PRO B 140 -11.18 -7.36 -15.25
N GLY B 141 -10.77 -6.22 -14.69
CA GLY B 141 -11.68 -5.43 -13.89
C GLY B 141 -12.85 -4.88 -14.69
N ILE B 142 -13.87 -4.42 -13.98
CA ILE B 142 -15.05 -3.85 -14.62
C ILE B 142 -14.90 -2.33 -14.57
N ARG B 143 -14.67 -1.72 -15.73
CA ARG B 143 -14.46 -0.28 -15.81
C ARG B 143 -15.73 0.59 -15.98
N TYR B 144 -15.74 1.74 -15.32
CA TYR B 144 -16.86 2.70 -15.36
C TYR B 144 -16.33 4.12 -15.26
N GLN B 145 -17.19 5.08 -15.56
CA GLN B 145 -16.87 6.51 -15.45
C GLN B 145 -18.18 7.20 -15.11
N TYR B 146 -18.13 8.40 -14.53
CA TYR B 146 -19.36 9.09 -14.16
C TYR B 146 -20.01 9.96 -15.22
N ASN B 147 -21.34 9.98 -15.21
CA ASN B 147 -22.11 10.79 -16.13
C ASN B 147 -22.65 11.97 -15.36
N VAL B 148 -22.63 11.84 -14.03
CA VAL B 148 -23.13 12.87 -13.12
C VAL B 148 -22.15 13.23 -12.01
N LEU B 149 -22.41 14.35 -11.32
CA LEU B 149 -21.55 14.79 -10.22
C LEU B 149 -21.36 13.62 -9.26
N PRO B 150 -20.10 13.19 -9.06
CA PRO B 150 -19.79 12.07 -8.16
C PRO B 150 -19.57 12.51 -6.73
N GLN B 151 -19.84 11.61 -5.79
CA GLN B 151 -19.62 11.94 -4.38
C GLN B 151 -18.10 11.95 -4.08
N GLY B 152 -17.65 12.90 -3.27
CA GLY B 152 -16.23 12.94 -2.93
C GLY B 152 -15.29 13.79 -3.77
N TRP B 153 -15.75 14.22 -4.94
CA TRP B 153 -14.95 15.09 -5.83
C TRP B 153 -15.22 16.54 -5.41
N LYS B 154 -14.16 17.31 -5.16
CA LYS B 154 -14.35 18.71 -4.73
C LYS B 154 -15.18 19.52 -5.72
N GLY B 155 -15.16 19.12 -6.98
CA GLY B 155 -15.92 19.86 -7.99
C GLY B 155 -17.43 19.79 -7.86
N SER B 156 -17.93 18.76 -7.19
CA SER B 156 -19.37 18.58 -7.03
C SER B 156 -20.05 19.61 -6.12
N PRO B 157 -19.64 19.68 -4.85
CA PRO B 157 -20.26 20.66 -3.96
C PRO B 157 -20.26 22.07 -4.54
N ALA B 158 -19.17 22.40 -5.24
CA ALA B 158 -19.00 23.71 -5.84
C ALA B 158 -20.01 24.00 -6.95
N ILE B 159 -20.10 23.07 -7.90
CA ILE B 159 -21.01 23.18 -9.03
C ILE B 159 -22.49 23.05 -8.63
N PHE B 160 -22.74 22.60 -7.41
CA PHE B 160 -24.11 22.42 -6.95
C PHE B 160 -24.42 23.52 -5.94
N GLN B 161 -23.46 24.42 -5.74
CA GLN B 161 -23.64 25.49 -4.78
C GLN B 161 -24.88 26.33 -5.02
N SER B 162 -25.02 26.86 -6.24
CA SER B 162 -26.19 27.69 -6.56
C SER B 162 -27.49 26.96 -6.23
N SER B 163 -27.51 25.66 -6.47
CA SER B 163 -28.69 24.84 -6.21
C SER B 163 -28.91 24.57 -4.72
N MET B 164 -27.81 24.47 -3.98
CA MET B 164 -27.86 24.20 -2.55
C MET B 164 -28.31 25.42 -1.75
N THR B 165 -27.86 26.59 -2.18
CA THR B 165 -28.25 27.81 -1.50
C THR B 165 -29.76 27.99 -1.69
N LYS B 166 -30.21 27.74 -2.93
CA LYS B 166 -31.61 27.86 -3.27
C LYS B 166 -32.50 26.95 -2.42
N ILE B 167 -31.99 25.78 -2.05
CA ILE B 167 -32.79 24.84 -1.26
C ILE B 167 -32.65 25.03 0.26
N LEU B 168 -31.63 25.78 0.67
CA LEU B 168 -31.39 26.01 2.08
C LEU B 168 -31.92 27.36 2.53
N GLU B 169 -32.13 28.26 1.57
CA GLU B 169 -32.63 29.59 1.88
C GLU B 169 -33.87 29.62 2.78
N PRO B 170 -34.94 28.89 2.43
CA PRO B 170 -36.12 28.90 3.28
C PRO B 170 -35.83 28.55 4.74
N PHE B 171 -35.21 27.39 4.99
CA PHE B 171 -34.90 27.01 6.35
C PHE B 171 -33.99 28.02 7.04
N ARG B 172 -33.18 28.70 6.24
CA ARG B 172 -32.25 29.69 6.77
C ARG B 172 -32.95 30.98 7.17
N LYS B 173 -33.81 31.49 6.30
CA LYS B 173 -34.55 32.71 6.60
C LYS B 173 -35.45 32.44 7.82
N GLN B 174 -35.98 31.22 7.91
CA GLN B 174 -36.84 30.83 9.01
C GLN B 174 -36.10 30.84 10.34
N ASN B 175 -34.84 30.39 10.30
CA ASN B 175 -34.01 30.29 11.48
C ASN B 175 -32.77 31.19 11.40
N PRO B 176 -32.93 32.48 11.70
CA PRO B 176 -31.84 33.46 11.66
C PRO B 176 -30.65 33.09 12.53
N ASP B 177 -30.91 32.36 13.61
CA ASP B 177 -29.88 31.96 14.55
C ASP B 177 -29.00 30.80 14.08
N ILE B 178 -29.61 29.63 13.88
CA ILE B 178 -28.90 28.43 13.44
C ILE B 178 -27.96 28.70 12.26
N VAL B 179 -26.85 27.96 12.23
CA VAL B 179 -25.87 28.10 11.17
C VAL B 179 -25.64 26.78 10.43
N ILE B 180 -25.49 26.90 9.12
CA ILE B 180 -25.25 25.77 8.24
C ILE B 180 -23.96 26.01 7.48
N TYR B 181 -23.10 25.00 7.43
CA TYR B 181 -21.84 25.12 6.72
C TYR B 181 -21.64 23.83 5.95
N GLN B 182 -21.24 23.95 4.70
CA GLN B 182 -21.06 22.78 3.85
C GLN B 182 -19.60 22.43 3.52
N TYR B 183 -19.30 21.14 3.59
CA TYR B 183 -17.97 20.60 3.26
C TYR B 183 -18.17 19.24 2.61
N MET B 184 -17.68 19.12 1.38
CA MET B 184 -17.79 17.89 0.60
C MET B 184 -19.24 17.42 0.54
N ASP B 185 -19.51 16.23 1.06
CA ASP B 185 -20.84 15.65 1.04
C ASP B 185 -21.63 15.92 2.31
N ASP B 186 -20.99 16.53 3.30
CA ASP B 186 -21.67 16.74 4.57
C ASP B 186 -22.15 18.16 4.85
N LEU B 187 -23.11 18.24 5.76
CA LEU B 187 -23.69 19.50 6.17
C LEU B 187 -23.50 19.57 7.68
N TYR B 188 -22.90 20.67 8.13
CA TYR B 188 -22.68 20.87 9.55
C TYR B 188 -23.62 21.98 10.03
N VAL B 189 -24.62 21.58 10.81
CA VAL B 189 -25.61 22.53 11.32
C VAL B 189 -25.50 22.68 12.82
N GLY B 190 -25.39 23.93 13.27
CA GLY B 190 -25.26 24.19 14.69
C GLY B 190 -26.26 25.19 15.24
N SER B 191 -26.55 25.05 16.52
CA SER B 191 -27.48 25.94 17.24
C SER B 191 -27.08 26.01 18.70
N ASP B 192 -27.80 26.86 19.45
CA ASP B 192 -27.54 27.02 20.88
C ASP B 192 -28.75 26.49 21.65
N LEU B 193 -29.73 25.97 20.91
CA LEU B 193 -30.96 25.45 21.48
C LEU B 193 -30.78 24.40 22.56
N GLU B 194 -31.88 23.73 22.89
CA GLU B 194 -31.87 22.68 23.88
C GLU B 194 -31.96 21.36 23.13
N ILE B 195 -31.04 20.45 23.44
CA ILE B 195 -30.97 19.15 22.79
C ILE B 195 -32.29 18.69 22.14
N GLY B 196 -33.33 18.54 22.94
CA GLY B 196 -34.61 18.10 22.41
C GLY B 196 -35.09 18.94 21.23
N GLN B 197 -35.09 20.25 21.41
CA GLN B 197 -35.52 21.17 20.35
C GLN B 197 -34.50 21.18 19.22
N HIS B 198 -33.24 20.89 19.56
CA HIS B 198 -32.17 20.84 18.58
C HIS B 198 -32.44 19.68 17.65
N ARG B 199 -32.47 18.47 18.21
CA ARG B 199 -32.71 17.26 17.44
C ARG B 199 -33.97 17.35 16.58
N THR B 200 -35.10 17.58 17.22
CA THR B 200 -36.36 17.70 16.50
C THR B 200 -36.31 18.81 15.45
N LYS B 201 -35.42 19.78 15.65
CA LYS B 201 -35.26 20.89 14.72
C LYS B 201 -34.46 20.43 13.51
N ILE B 202 -33.78 19.29 13.64
CA ILE B 202 -32.97 18.73 12.57
C ILE B 202 -33.89 17.99 11.62
N GLU B 203 -34.84 17.24 12.18
CA GLU B 203 -35.80 16.50 11.37
C GLU B 203 -36.52 17.49 10.45
N GLU B 204 -36.88 18.64 11.01
CA GLU B 204 -37.55 19.67 10.23
C GLU B 204 -36.72 19.97 8.99
N LEU B 205 -35.41 20.05 9.18
CA LEU B 205 -34.49 20.31 8.06
C LEU B 205 -34.41 19.10 7.15
N ARG B 206 -34.26 17.92 7.74
CA ARG B 206 -34.16 16.70 6.96
C ARG B 206 -35.40 16.48 6.10
N GLN B 207 -36.58 16.59 6.72
CA GLN B 207 -37.82 16.39 5.97
C GLN B 207 -37.85 17.38 4.82
N HIS B 208 -37.27 18.55 5.03
CA HIS B 208 -37.21 19.56 3.97
C HIS B 208 -36.29 19.05 2.86
N LEU B 209 -35.19 18.39 3.25
CA LEU B 209 -34.25 17.83 2.29
C LEU B 209 -34.89 16.62 1.63
N LEU B 210 -35.58 15.81 2.42
CA LEU B 210 -36.26 14.63 1.93
C LEU B 210 -37.17 15.03 0.77
N ARG B 211 -37.75 16.21 0.91
CA ARG B 211 -38.65 16.79 -0.08
C ARG B 211 -38.00 17.02 -1.44
N TRP B 212 -36.68 16.86 -1.53
CA TRP B 212 -35.97 17.05 -2.79
C TRP B 212 -35.18 15.79 -3.18
N GLY B 213 -34.57 15.16 -2.19
CA GLY B 213 -33.81 13.96 -2.41
C GLY B 213 -32.45 14.08 -1.76
N LEU B 214 -32.35 13.71 -0.48
CA LEU B 214 -31.08 13.83 0.21
C LEU B 214 -30.69 12.79 1.27
N THR B 215 -31.61 12.42 2.15
CA THR B 215 -31.31 11.41 3.20
C THR B 215 -32.47 10.43 3.36
N THR B 216 -32.17 9.14 3.39
CA THR B 216 -33.21 8.10 3.55
C THR B 216 -32.77 7.03 4.54
N GLU B 233 -23.35 14.06 17.71
CA GLU B 233 -23.45 15.32 18.45
C GLU B 233 -22.07 15.88 18.77
N LEU B 234 -21.77 17.07 18.25
CA LEU B 234 -20.47 17.70 18.50
C LEU B 234 -20.66 18.98 19.29
N HIS B 235 -19.77 19.20 20.27
CA HIS B 235 -19.83 20.38 21.11
C HIS B 235 -18.51 21.14 21.11
N PRO B 236 -18.34 22.07 20.16
CA PRO B 236 -17.11 22.86 20.04
C PRO B 236 -16.62 23.51 21.33
N ASP B 237 -17.55 23.92 22.19
CA ASP B 237 -17.19 24.57 23.44
C ASP B 237 -16.53 23.64 24.45
N LYS B 238 -15.82 22.62 23.95
CA LYS B 238 -15.14 21.68 24.82
C LYS B 238 -13.76 21.33 24.25
N TRP B 239 -13.51 21.75 23.01
CA TRP B 239 -12.21 21.50 22.36
C TRP B 239 -11.22 22.58 22.82
N THR B 240 -10.65 22.38 24.01
CA THR B 240 -9.71 23.35 24.57
C THR B 240 -8.31 22.79 24.81
N VAL B 241 -7.30 23.47 24.24
CA VAL B 241 -5.91 23.05 24.41
C VAL B 241 -5.66 22.59 25.84
N GLN B 242 -5.03 21.44 25.99
CA GLN B 242 -4.76 20.90 27.33
C GLN B 242 -3.42 21.33 27.92
N PRO B 243 -3.38 21.48 29.27
CA PRO B 243 -2.21 21.88 30.03
C PRO B 243 -1.28 20.73 30.44
N ILE B 244 0.02 21.00 30.40
CA ILE B 244 1.03 20.00 30.79
C ILE B 244 1.28 20.17 32.27
N VAL B 245 1.00 19.13 33.05
CA VAL B 245 1.22 19.21 34.47
C VAL B 245 2.45 18.39 34.81
N LEU B 246 3.31 18.96 35.65
CA LEU B 246 4.54 18.29 36.07
C LEU B 246 4.24 17.38 37.26
N PRO B 247 5.05 16.34 37.44
CA PRO B 247 4.84 15.40 38.56
C PRO B 247 5.04 16.04 39.94
N GLU B 248 4.47 15.40 40.97
CA GLU B 248 4.59 15.89 42.34
C GLU B 248 5.00 14.73 43.22
N LYS B 249 6.00 14.93 44.08
CA LYS B 249 6.46 13.84 44.93
C LYS B 249 6.86 14.25 46.34
N ASP B 250 6.65 13.34 47.29
CA ASP B 250 7.02 13.58 48.68
C ASP B 250 8.53 13.68 48.72
N SER B 251 9.17 12.62 48.24
CA SER B 251 10.63 12.55 48.17
C SER B 251 11.00 12.45 46.69
N TRP B 252 12.18 12.95 46.34
CA TRP B 252 12.66 12.89 44.96
C TRP B 252 13.97 12.11 44.85
N THR B 253 14.00 11.11 43.97
CA THR B 253 15.22 10.35 43.74
C THR B 253 16.01 10.96 42.57
N VAL B 254 17.29 10.61 42.48
CA VAL B 254 18.13 11.10 41.38
C VAL B 254 17.47 10.81 40.04
N ASN B 255 16.89 9.61 39.90
CA ASN B 255 16.23 9.23 38.66
C ASN B 255 15.06 10.19 38.42
N ASP B 256 14.28 10.41 39.47
CA ASP B 256 13.14 11.32 39.40
C ASP B 256 13.57 12.70 38.88
N ILE B 257 14.66 13.22 39.43
CA ILE B 257 15.16 14.52 39.03
C ILE B 257 15.69 14.52 37.59
N GLN B 258 16.31 13.43 37.17
CA GLN B 258 16.81 13.35 35.81
C GLN B 258 15.66 13.38 34.80
N LYS B 259 14.60 12.59 35.06
CA LYS B 259 13.45 12.56 34.14
C LYS B 259 12.69 13.88 34.08
N LEU B 260 12.62 14.59 35.20
CA LEU B 260 11.95 15.87 35.26
C LEU B 260 12.76 16.90 34.47
N VAL B 261 14.08 16.82 34.62
CA VAL B 261 14.98 17.74 33.93
C VAL B 261 14.98 17.51 32.42
N GLY B 262 14.75 16.28 31.99
CA GLY B 262 14.74 15.98 30.57
C GLY B 262 13.52 16.53 29.87
N LYS B 263 12.36 16.43 30.52
CA LYS B 263 11.14 16.95 29.94
C LYS B 263 11.14 18.48 29.93
N LEU B 264 11.54 19.09 31.03
CA LEU B 264 11.60 20.54 31.11
C LEU B 264 12.51 21.07 30.00
N ASN B 265 13.62 20.37 29.78
CA ASN B 265 14.60 20.76 28.78
C ASN B 265 13.98 20.82 27.40
N TRP B 266 12.94 20.01 27.20
CA TRP B 266 12.24 19.94 25.94
C TRP B 266 11.17 21.02 25.92
N ALA B 267 10.42 21.13 27.00
CA ALA B 267 9.39 22.13 27.10
C ALA B 267 9.95 23.54 26.82
N SER B 268 11.22 23.74 27.09
CA SER B 268 11.85 25.03 26.87
C SER B 268 11.75 25.46 25.42
N GLN B 269 11.62 24.48 24.52
CA GLN B 269 11.47 24.77 23.11
C GLN B 269 10.15 25.51 22.88
N ILE B 270 9.19 25.30 23.79
CA ILE B 270 7.89 25.96 23.69
C ILE B 270 7.88 27.23 24.53
N TYR B 271 8.27 27.08 25.81
CA TYR B 271 8.32 28.17 26.79
C TYR B 271 9.78 28.44 27.20
N PRO B 272 10.40 29.50 26.64
CA PRO B 272 11.80 29.87 26.93
C PRO B 272 12.15 30.21 28.37
N GLY B 273 11.14 30.51 29.18
CA GLY B 273 11.37 30.87 30.56
C GLY B 273 11.61 29.73 31.53
N ILE B 274 11.48 28.50 31.06
CA ILE B 274 11.71 27.35 31.92
C ILE B 274 13.18 27.22 32.23
N LYS B 275 13.52 27.00 33.50
CA LYS B 275 14.92 26.87 33.93
C LYS B 275 15.19 25.52 34.57
N VAL B 276 16.41 25.01 34.40
CA VAL B 276 16.79 23.72 35.00
C VAL B 276 18.15 23.78 35.71
N ARG B 277 18.71 24.98 35.87
CA ARG B 277 20.02 25.10 36.50
C ARG B 277 20.02 24.61 37.94
N GLN B 278 19.05 25.04 38.73
CA GLN B 278 18.98 24.64 40.12
C GLN B 278 18.79 23.12 40.28
N LEU B 279 17.83 22.55 39.57
CA LEU B 279 17.63 21.10 39.67
C LEU B 279 18.90 20.38 39.23
N CYS B 280 19.43 20.74 38.06
CA CYS B 280 20.66 20.13 37.53
C CYS B 280 21.83 20.17 38.50
N LYS B 281 21.88 21.19 39.35
CA LYS B 281 22.97 21.27 40.32
C LYS B 281 22.83 20.12 41.32
N LEU B 282 21.62 19.63 41.51
CA LEU B 282 21.36 18.51 42.43
C LEU B 282 21.85 17.19 41.82
N LEU B 283 22.28 17.22 40.57
CA LEU B 283 22.73 16.01 39.89
C LEU B 283 24.24 15.91 39.74
N ARG B 284 24.97 16.70 40.51
CA ARG B 284 26.42 16.64 40.44
C ARG B 284 26.86 15.40 41.20
N GLY B 285 28.02 14.87 40.84
CA GLY B 285 28.50 13.67 41.50
C GLY B 285 28.03 12.41 40.78
N THR B 286 28.26 11.26 41.40
CA THR B 286 27.88 9.98 40.82
C THR B 286 27.02 9.17 41.80
N LYS B 287 25.82 9.67 42.10
CA LYS B 287 24.94 9.00 43.06
C LYS B 287 24.10 7.87 42.48
N ALA B 288 23.84 6.86 43.29
CA ALA B 288 23.02 5.73 42.89
C ALA B 288 21.67 6.30 42.44
N LEU B 289 21.12 5.75 41.36
CA LEU B 289 19.85 6.23 40.82
C LEU B 289 18.70 6.27 41.82
N THR B 290 18.74 5.35 42.79
CA THR B 290 17.69 5.24 43.81
C THR B 290 17.84 6.13 45.05
N GLU B 291 19.01 6.73 45.21
CA GLU B 291 19.28 7.62 46.34
C GLU B 291 18.36 8.81 46.33
N VAL B 292 17.92 9.22 47.52
CA VAL B 292 17.02 10.35 47.66
C VAL B 292 17.77 11.66 47.79
N ILE B 293 17.29 12.69 47.11
CA ILE B 293 17.94 13.98 47.15
C ILE B 293 17.00 15.03 47.71
N PRO B 294 17.49 15.83 48.65
CA PRO B 294 16.70 16.89 49.27
C PRO B 294 16.71 18.12 48.38
N LEU B 295 15.52 18.63 48.05
CA LEU B 295 15.42 19.80 47.21
C LEU B 295 15.74 21.07 47.96
N THR B 296 16.73 21.81 47.47
CA THR B 296 17.12 23.09 48.08
C THR B 296 16.00 24.09 47.83
N GLU B 297 16.07 25.23 48.48
CA GLU B 297 15.05 26.26 48.31
C GLU B 297 15.05 26.78 46.87
N GLU B 298 16.23 26.97 46.29
CA GLU B 298 16.32 27.45 44.91
C GLU B 298 15.55 26.48 44.02
N ALA B 299 15.96 25.22 44.04
CA ALA B 299 15.28 24.20 43.24
C ALA B 299 13.78 24.33 43.45
N GLU B 300 13.36 24.49 44.70
CA GLU B 300 11.95 24.64 45.02
C GLU B 300 11.29 25.75 44.20
N LEU B 301 11.90 26.94 44.23
CA LEU B 301 11.37 28.10 43.49
C LEU B 301 11.33 27.79 42.00
N GLU B 302 12.46 27.37 41.46
CA GLU B 302 12.56 27.04 40.04
C GLU B 302 11.46 26.09 39.60
N LEU B 303 11.18 25.11 40.45
CA LEU B 303 10.13 24.16 40.10
C LEU B 303 8.80 24.88 40.12
N ALA B 304 8.67 25.87 41.01
CA ALA B 304 7.42 26.62 41.10
C ALA B 304 7.22 27.61 39.95
N GLU B 305 8.30 28.25 39.51
CA GLU B 305 8.18 29.19 38.39
C GLU B 305 7.76 28.41 37.14
N ASN B 306 8.40 27.28 36.91
CA ASN B 306 8.05 26.46 35.75
C ASN B 306 6.58 26.02 35.77
N ARG B 307 6.05 25.64 36.93
CA ARG B 307 4.64 25.25 37.01
C ARG B 307 3.75 26.44 36.64
N GLU B 308 4.14 27.61 37.14
CA GLU B 308 3.38 28.83 36.91
C GLU B 308 3.32 29.14 35.42
N ILE B 309 4.47 29.00 34.75
CA ILE B 309 4.57 29.24 33.32
C ILE B 309 3.67 28.27 32.55
N LEU B 310 3.60 27.03 33.01
CA LEU B 310 2.82 26.00 32.35
C LEU B 310 1.31 26.09 32.52
N LYS B 311 0.83 26.94 33.42
CA LYS B 311 -0.60 27.02 33.64
C LYS B 311 -1.40 27.50 32.43
N GLU B 312 -0.74 28.07 31.44
CA GLU B 312 -1.45 28.54 30.25
C GLU B 312 -0.76 28.24 28.93
N PRO B 313 -1.53 28.24 27.83
CA PRO B 313 -0.96 27.97 26.51
C PRO B 313 -0.03 29.14 26.19
N VAL B 314 1.00 28.91 25.39
CA VAL B 314 1.93 29.98 25.05
C VAL B 314 1.27 31.08 24.18
N HIS B 315 1.60 32.34 24.51
CA HIS B 315 1.10 33.52 23.82
C HIS B 315 1.50 33.57 22.34
N GLY B 316 0.76 34.36 21.55
CA GLY B 316 1.10 34.54 20.16
C GLY B 316 0.68 33.57 19.08
N VAL B 317 0.06 32.45 19.43
CA VAL B 317 -0.33 31.51 18.39
C VAL B 317 -1.67 31.89 17.74
N TYR B 318 -1.63 32.10 16.42
CA TYR B 318 -2.83 32.45 15.63
C TYR B 318 -2.83 31.62 14.35
N TYR B 319 -4.01 31.35 13.80
CA TYR B 319 -4.12 30.56 12.58
C TYR B 319 -3.90 31.37 11.30
N ASP B 320 -3.05 30.86 10.43
CA ASP B 320 -2.77 31.50 9.14
C ASP B 320 -3.44 30.71 8.01
N PRO B 321 -4.33 31.34 7.23
CA PRO B 321 -5.01 30.64 6.14
C PRO B 321 -4.16 30.30 4.91
N SER B 322 -2.97 30.90 4.79
CA SER B 322 -2.10 30.62 3.64
C SER B 322 -1.15 29.47 3.97
N LYS B 323 -1.34 28.85 5.14
CA LYS B 323 -0.48 27.75 5.55
C LYS B 323 -1.25 26.44 5.71
N ASP B 324 -0.53 25.32 5.60
CA ASP B 324 -1.17 24.01 5.77
C ASP B 324 -1.38 23.75 7.26
N LEU B 325 -2.40 22.97 7.58
CA LEU B 325 -2.68 22.61 8.95
C LEU B 325 -2.03 21.26 9.12
N ILE B 326 -1.35 21.06 10.25
CA ILE B 326 -0.68 19.77 10.48
C ILE B 326 -1.17 19.09 11.75
N ALA B 327 -1.38 17.78 11.65
CA ALA B 327 -1.84 17.01 12.79
C ALA B 327 -0.91 15.84 13.05
N GLU B 328 -0.36 15.81 14.27
CA GLU B 328 0.56 14.75 14.67
C GLU B 328 -0.08 13.90 15.78
N ILE B 329 0.19 12.60 15.76
CA ILE B 329 -0.37 11.67 16.75
C ILE B 329 0.72 10.75 17.31
N GLN B 330 0.72 10.56 18.64
CA GLN B 330 1.68 9.65 19.25
C GLN B 330 0.90 8.55 19.94
N LYS B 331 1.43 7.34 19.95
CA LYS B 331 0.78 6.23 20.64
C LYS B 331 1.30 6.20 22.08
N GLN B 332 0.44 6.55 23.03
CA GLN B 332 0.81 6.58 24.44
C GLN B 332 0.78 5.20 25.11
N GLY B 333 -0.08 4.33 24.61
CA GLY B 333 -0.18 3.01 25.19
C GLY B 333 -1.48 2.82 25.96
N GLN B 334 -1.74 1.59 26.36
CA GLN B 334 -2.95 1.27 27.12
C GLN B 334 -4.18 1.86 26.48
N GLY B 335 -4.14 2.01 25.15
CA GLY B 335 -5.27 2.55 24.43
C GLY B 335 -5.41 4.06 24.35
N GLN B 336 -4.41 4.81 24.84
CA GLN B 336 -4.51 6.28 24.75
C GLN B 336 -3.69 6.84 23.59
N TRP B 337 -4.21 7.86 22.94
CA TRP B 337 -3.54 8.47 21.79
C TRP B 337 -3.56 10.00 21.88
N THR B 338 -2.38 10.61 21.97
CA THR B 338 -2.29 12.07 22.03
C THR B 338 -2.05 12.71 20.65
N TYR B 339 -2.46 13.95 20.51
CA TYR B 339 -2.31 14.64 19.26
C TYR B 339 -2.17 16.17 19.37
N GLN B 340 -1.62 16.78 18.32
CA GLN B 340 -1.44 18.23 18.25
C GLN B 340 -1.73 18.74 16.82
N ILE B 341 -2.35 19.91 16.73
CA ILE B 341 -2.64 20.52 15.43
C ILE B 341 -1.83 21.81 15.42
N TYR B 342 -1.07 22.03 14.35
CA TYR B 342 -0.24 23.23 14.24
C TYR B 342 0.19 23.50 12.79
N GLN B 343 0.80 24.66 12.58
CA GLN B 343 1.28 25.04 11.26
C GLN B 343 2.79 25.27 11.35
N GLU B 344 3.21 25.81 12.49
CA GLU B 344 4.63 26.04 12.76
C GLU B 344 4.98 25.20 13.98
N PRO B 345 6.22 24.69 14.04
CA PRO B 345 6.66 23.86 15.17
C PRO B 345 6.47 24.53 16.54
N PHE B 346 6.07 23.73 17.53
CA PHE B 346 5.86 24.19 18.90
C PHE B 346 4.84 25.29 19.10
N LYS B 347 4.06 25.59 18.06
CA LYS B 347 3.02 26.62 18.13
C LYS B 347 1.66 25.96 17.88
N ASN B 348 1.21 25.21 18.88
CA ASN B 348 -0.03 24.49 18.78
C ASN B 348 -1.32 25.31 18.80
N LEU B 349 -2.18 25.01 17.82
CA LEU B 349 -3.48 25.63 17.68
C LEU B 349 -4.45 24.82 18.56
N LYS B 350 -4.14 23.54 18.74
CA LYS B 350 -4.96 22.63 19.54
C LYS B 350 -4.21 21.34 19.90
N THR B 351 -4.49 20.78 21.07
CA THR B 351 -3.87 19.52 21.53
C THR B 351 -4.88 18.68 22.32
N GLY B 352 -4.76 17.37 22.23
CA GLY B 352 -5.69 16.52 22.94
C GLY B 352 -5.26 15.07 23.11
N LYS B 353 -6.12 14.32 23.79
CA LYS B 353 -5.89 12.92 24.07
C LYS B 353 -7.17 12.16 23.76
N TYR B 354 -7.07 11.16 22.89
CA TYR B 354 -8.20 10.32 22.48
C TYR B 354 -7.94 8.94 23.09
N ALA B 355 -8.93 8.37 23.75
CA ALA B 355 -8.79 7.06 24.36
C ALA B 355 -9.54 5.94 23.61
N ARG B 356 -8.99 4.73 23.69
CA ARG B 356 -9.59 3.56 23.05
C ARG B 356 -11.00 3.35 23.60
N MET B 357 -11.92 2.99 22.72
CA MET B 357 -13.30 2.78 23.16
C MET B 357 -13.73 1.32 23.06
N ARG B 358 -14.82 1.01 23.76
CA ARG B 358 -15.43 -0.31 23.82
C ARG B 358 -15.26 -1.17 22.57
N GLY B 359 -14.55 -2.28 22.69
CA GLY B 359 -14.36 -3.19 21.57
C GLY B 359 -13.22 -2.99 20.58
N ALA B 360 -12.10 -2.46 21.04
CA ALA B 360 -10.93 -2.23 20.19
C ALA B 360 -9.70 -2.71 20.94
N HIS B 361 -9.96 -3.23 22.14
CA HIS B 361 -8.96 -3.73 23.09
C HIS B 361 -7.87 -4.66 22.54
N THR B 362 -7.85 -4.86 21.23
CA THR B 362 -6.87 -5.72 20.58
C THR B 362 -6.58 -5.24 19.16
N ASN B 363 -6.87 -3.97 18.87
CA ASN B 363 -6.68 -3.45 17.51
C ASN B 363 -6.25 -1.97 17.39
N ASP B 364 -4.94 -1.75 17.33
CA ASP B 364 -4.37 -0.41 17.18
C ASP B 364 -4.92 0.27 15.95
N VAL B 365 -4.96 -0.45 14.83
CA VAL B 365 -5.45 0.10 13.57
C VAL B 365 -6.84 0.76 13.68
N LYS B 366 -7.78 0.05 14.29
CA LYS B 366 -9.13 0.57 14.47
C LYS B 366 -9.10 1.87 15.32
N GLN B 367 -8.26 1.90 16.33
CA GLN B 367 -8.15 3.08 17.18
C GLN B 367 -7.57 4.30 16.46
N LEU B 368 -6.56 4.08 15.62
CA LEU B 368 -5.93 5.16 14.87
C LEU B 368 -6.92 5.76 13.84
N THR B 369 -7.68 4.88 13.18
CA THR B 369 -8.65 5.35 12.18
C THR B 369 -9.76 6.14 12.85
N GLU B 370 -10.09 5.76 14.07
CA GLU B 370 -11.13 6.47 14.81
C GLU B 370 -10.57 7.85 15.19
N ALA B 371 -9.31 7.89 15.61
CA ALA B 371 -8.69 9.16 15.97
C ALA B 371 -8.57 10.13 14.80
N VAL B 372 -8.14 9.62 13.64
CA VAL B 372 -7.97 10.48 12.47
C VAL B 372 -9.30 11.13 12.11
N GLN B 373 -10.35 10.33 11.98
CA GLN B 373 -11.65 10.88 11.61
C GLN B 373 -12.11 11.94 12.61
N LYS B 374 -12.03 11.61 13.91
CA LYS B 374 -12.44 12.52 14.97
C LYS B 374 -11.68 13.84 14.89
N ILE B 375 -10.36 13.76 14.67
CA ILE B 375 -9.53 14.95 14.54
C ILE B 375 -9.79 15.71 13.23
N THR B 376 -9.97 14.98 12.13
CA THR B 376 -10.25 15.63 10.84
C THR B 376 -11.58 16.39 10.92
N THR B 377 -12.55 15.80 11.60
CA THR B 377 -13.86 16.41 11.78
C THR B 377 -13.70 17.77 12.49
N GLU B 378 -12.91 17.75 13.56
CA GLU B 378 -12.63 18.94 14.33
C GLU B 378 -12.00 20.05 13.50
N SER B 379 -11.05 19.71 12.63
CA SER B 379 -10.42 20.72 11.79
C SER B 379 -11.44 21.36 10.85
N ILE B 380 -12.35 20.55 10.33
CA ILE B 380 -13.36 21.05 9.41
C ILE B 380 -14.27 22.07 10.10
N VAL B 381 -14.80 21.71 11.27
CA VAL B 381 -15.68 22.60 12.03
C VAL B 381 -15.04 23.96 12.35
N ILE B 382 -13.78 23.94 12.79
CA ILE B 382 -13.06 25.13 13.16
C ILE B 382 -12.46 25.95 12.02
N TRP B 383 -11.76 25.30 11.10
CA TRP B 383 -11.12 26.05 10.02
C TRP B 383 -11.63 25.81 8.60
N GLY B 384 -12.50 24.82 8.43
CA GLY B 384 -13.04 24.56 7.10
C GLY B 384 -12.11 23.83 6.15
N LYS B 385 -11.14 23.11 6.70
CA LYS B 385 -10.20 22.36 5.89
C LYS B 385 -9.73 21.15 6.69
N THR B 386 -9.10 20.20 6.01
CA THR B 386 -8.60 19.03 6.69
C THR B 386 -7.08 19.15 6.79
N PRO B 387 -6.53 18.72 7.92
CA PRO B 387 -5.10 18.77 8.16
C PRO B 387 -4.34 17.59 7.51
N LYS B 388 -3.03 17.72 7.44
CA LYS B 388 -2.18 16.68 6.88
C LYS B 388 -1.69 15.90 8.10
N PHE B 389 -1.93 14.59 8.12
CA PHE B 389 -1.55 13.77 9.27
C PHE B 389 -0.19 13.07 9.21
N LYS B 390 0.45 12.95 10.38
CA LYS B 390 1.72 12.24 10.56
C LYS B 390 1.34 11.05 11.44
N LEU B 391 1.23 9.88 10.82
CA LEU B 391 0.82 8.64 11.48
C LEU B 391 1.93 7.70 11.97
N PRO B 392 1.91 7.34 13.28
CA PRO B 392 2.91 6.45 13.88
C PRO B 392 2.52 4.99 13.63
N ILE B 393 2.67 4.58 12.38
CA ILE B 393 2.34 3.23 11.95
C ILE B 393 3.06 3.02 10.62
N GLN B 394 3.26 1.76 10.23
CA GLN B 394 3.95 1.45 8.99
C GLN B 394 2.98 1.48 7.82
N LYS B 395 3.41 2.11 6.72
CA LYS B 395 2.59 2.23 5.49
C LYS B 395 1.80 0.96 5.12
N GLU B 396 2.50 -0.17 5.07
CA GLU B 396 1.91 -1.46 4.73
C GLU B 396 0.78 -1.87 5.68
N THR B 397 1.03 -1.68 6.97
CA THR B 397 0.03 -2.01 7.96
C THR B 397 -1.19 -1.13 7.81
N TRP B 398 -0.97 0.15 7.55
CA TRP B 398 -2.06 1.09 7.40
C TRP B 398 -2.90 0.82 6.15
N GLU B 399 -2.23 0.72 5.01
CA GLU B 399 -2.89 0.49 3.72
C GLU B 399 -3.65 -0.82 3.61
N THR B 400 -3.24 -1.82 4.38
CA THR B 400 -3.90 -3.13 4.35
C THR B 400 -5.21 -3.16 5.15
N TRP B 401 -5.35 -2.25 6.13
CA TRP B 401 -6.54 -2.25 6.98
C TRP B 401 -7.33 -0.95 7.29
N TRP B 402 -6.86 0.23 6.88
CA TRP B 402 -7.60 1.44 7.25
C TRP B 402 -9.05 1.50 6.81
N THR B 403 -9.34 0.92 5.64
CA THR B 403 -10.71 0.94 5.12
C THR B 403 -11.68 0.10 5.94
N GLU B 404 -11.15 -0.92 6.61
CA GLU B 404 -12.00 -1.79 7.42
C GLU B 404 -12.82 -1.00 8.42
N TYR B 405 -12.36 0.18 8.80
CA TYR B 405 -13.08 0.97 9.80
C TYR B 405 -13.38 2.42 9.47
N TRP B 406 -13.30 2.80 8.19
CA TRP B 406 -13.55 4.18 7.79
C TRP B 406 -15.05 4.43 7.61
N GLN B 407 -15.49 5.65 7.92
CA GLN B 407 -16.91 6.00 7.81
C GLN B 407 -17.19 7.40 7.26
N ALA B 408 -16.16 8.17 7.03
CA ALA B 408 -16.37 9.50 6.50
C ALA B 408 -16.49 9.50 4.97
N THR B 409 -17.19 10.49 4.44
CA THR B 409 -17.37 10.62 3.00
C THR B 409 -16.09 11.21 2.44
N TRP B 410 -15.29 11.83 3.31
CA TRP B 410 -14.03 12.44 2.92
C TRP B 410 -12.81 11.62 3.35
N ILE B 411 -11.65 11.95 2.80
CA ILE B 411 -10.41 11.24 3.12
C ILE B 411 -9.28 12.25 3.24
N PRO B 412 -8.69 12.41 4.43
CA PRO B 412 -7.59 13.36 4.61
C PRO B 412 -6.29 12.89 3.95
N GLU B 413 -5.29 13.75 3.89
CA GLU B 413 -3.96 13.40 3.36
C GLU B 413 -3.13 12.84 4.54
N TRP B 414 -2.14 12.01 4.27
CA TRP B 414 -1.33 11.45 5.37
C TRP B 414 0.09 10.98 5.00
N GLU B 415 0.95 10.88 6.01
CA GLU B 415 2.33 10.41 5.84
C GLU B 415 2.66 9.57 7.09
N PHE B 416 3.59 8.63 6.94
CA PHE B 416 3.98 7.75 8.04
C PHE B 416 5.31 8.16 8.67
N VAL B 417 5.35 8.25 10.00
CA VAL B 417 6.54 8.69 10.71
C VAL B 417 7.03 7.81 11.84
N ASN B 418 8.13 8.25 12.46
CA ASN B 418 8.77 7.55 13.58
C ASN B 418 8.86 8.43 14.83
N THR B 419 7.78 8.44 15.61
CA THR B 419 7.68 9.21 16.85
C THR B 419 8.96 9.36 17.67
N PRO B 420 9.36 10.61 17.96
CA PRO B 420 10.56 10.86 18.76
C PRO B 420 10.18 10.52 20.20
N PRO B 421 11.03 9.74 20.89
CA PRO B 421 10.79 9.32 22.29
C PRO B 421 10.41 10.43 23.28
N LEU B 422 10.89 11.65 23.02
CA LEU B 422 10.62 12.78 23.91
C LEU B 422 9.24 13.39 23.76
N VAL B 423 8.87 13.73 22.53
CA VAL B 423 7.56 14.30 22.26
C VAL B 423 6.50 13.49 22.99
N LYS B 424 6.62 12.17 22.86
CA LYS B 424 5.71 11.22 23.50
C LYS B 424 5.74 11.43 25.01
N LEU B 425 6.92 11.30 25.61
CA LEU B 425 7.09 11.49 27.04
C LEU B 425 6.50 12.79 27.57
N TRP B 426 6.67 13.88 26.84
CA TRP B 426 6.15 15.17 27.28
C TRP B 426 4.63 15.27 27.26
N TYR B 427 4.00 14.74 26.20
CA TYR B 427 2.56 14.81 26.08
C TYR B 427 1.72 13.88 26.94
N GLN B 428 2.31 12.81 27.46
CA GLN B 428 1.58 11.91 28.33
C GLN B 428 1.55 12.59 29.70
N LEU B 429 2.18 13.76 29.78
CA LEU B 429 2.25 14.56 30.99
C LEU B 429 1.02 15.47 31.07
N GLU B 430 0.20 15.40 30.03
CA GLU B 430 -1.03 16.19 29.93
C GLU B 430 -1.98 16.04 31.14
N LYS B 431 -2.86 17.02 31.30
CA LYS B 431 -3.83 17.03 32.39
C LYS B 431 -5.21 16.64 31.86
P PO4 C . 8.07 -24.79 2.78
O1 PO4 C . 8.57 -23.63 1.99
O2 PO4 C . 7.09 -25.55 1.97
O3 PO4 C . 9.20 -25.68 3.14
O4 PO4 C . 7.41 -24.30 4.01
P PO4 D . 24.61 0.41 45.31
O1 PO4 D . 23.18 0.00 45.30
O2 PO4 D . 25.47 -0.81 45.27
O3 PO4 D . 24.89 1.25 44.13
O4 PO4 D . 24.90 1.17 46.56
C1 GWI E . -9.49 -25.36 -13.32
C2 GWI E . -9.03 -24.82 -14.65
C3 GWI E . -9.85 -23.97 -15.34
C6 GWI E . -10.72 -24.99 -12.85
C4 GWI E . -11.18 -23.58 -14.82
C5 GWI E . -11.60 -24.07 -13.63
CL GWI E . -12.15 -22.51 -15.73
C7 GWI E . -7.70 -25.22 -15.19
O1 GWI E . -7.33 -26.38 -15.06
C8 GWI E . -6.76 -24.24 -15.90
C9 GWI E . -6.61 -22.93 -15.36
C10 GWI E . -5.79 -21.97 -15.96
C11 GWI E . -5.06 -22.29 -17.13
C12 GWI E . -5.19 -23.61 -17.70
C13 GWI E . -6.04 -24.58 -17.08
CL1 GWI E . -5.65 -20.37 -15.25
O2 GWI E . -8.61 -26.21 -12.67
C15 GWI E . -9.02 -27.05 -11.57
C16 GWI E . -9.49 -28.34 -12.23
O3 GWI E . -10.32 -28.99 -11.60
N1 GWI E . -8.96 -28.69 -13.44
C17 GWI E . -9.39 -29.60 -14.39
C18 GWI E . -8.38 -30.23 -15.34
C23 GWI E . -6.90 -29.88 -15.28
C19 GWI E . -8.82 -31.11 -16.29
C20 GWI E . -10.26 -31.49 -16.40
C21 GWI E . -11.16 -30.94 -15.55
C22 GWI E . -10.71 -29.98 -14.53
N3 GWI E . -10.73 -34.08 -16.87
C14 GWI E . -9.69 -34.94 -16.91
C24 GWI E . -9.93 -36.40 -16.53
S GWI E . -10.79 -32.64 -17.65
O4 GWI E . -9.78 -32.63 -18.73
C25 GWI E . -9.02 -37.38 -17.33
O6 GWI E . -8.56 -34.60 -17.23
O5 GWI E . -12.11 -32.33 -18.15
C26 GWI E . -4.46 -23.93 -18.88
N2 GWI E . -3.87 -24.17 -19.85
#